data_4E95
# 
_entry.id   4E95 
# 
_audit_conform.dict_name       mmcif_pdbx.dic 
_audit_conform.dict_version    5.387 
_audit_conform.dict_location   http://mmcif.pdb.org/dictionaries/ascii/mmcif_pdbx.dic 
# 
loop_
_database_2.database_id 
_database_2.database_code 
_database_2.pdbx_database_accession 
_database_2.pdbx_DOI 
PDB   4E95         pdb_00004e95 10.2210/pdb4e95/pdb 
NDB   NA1696       ?            ?                   
RCSB  RCSB071325   ?            ?                   
WWPDB D_1000071325 ?            ?                   
# 
loop_
_pdbx_audit_revision_history.ordinal 
_pdbx_audit_revision_history.data_content_type 
_pdbx_audit_revision_history.major_revision 
_pdbx_audit_revision_history.minor_revision 
_pdbx_audit_revision_history.revision_date 
1 'Structure model' 1 0 2013-03-20 
2 'Structure model' 1 1 2017-03-08 
3 'Structure model' 1 2 2017-11-15 
4 'Structure model' 1 3 2024-02-28 
# 
_pdbx_audit_revision_details.ordinal             1 
_pdbx_audit_revision_details.revision_ordinal    1 
_pdbx_audit_revision_details.data_content_type   'Structure model' 
_pdbx_audit_revision_details.provider            repository 
_pdbx_audit_revision_details.type                'Initial release' 
_pdbx_audit_revision_details.description         ? 
_pdbx_audit_revision_details.details             ? 
# 
loop_
_pdbx_audit_revision_group.ordinal 
_pdbx_audit_revision_group.revision_ordinal 
_pdbx_audit_revision_group.data_content_type 
_pdbx_audit_revision_group.group 
1 2 'Structure model' 'Database references'    
2 3 'Structure model' 'Refinement description' 
3 4 'Structure model' 'Data collection'        
4 4 'Structure model' 'Database references'    
5 4 'Structure model' 'Derived calculations'   
# 
loop_
_pdbx_audit_revision_category.ordinal 
_pdbx_audit_revision_category.revision_ordinal 
_pdbx_audit_revision_category.data_content_type 
_pdbx_audit_revision_category.category 
1 3 'Structure model' software               
2 4 'Structure model' chem_comp_atom         
3 4 'Structure model' chem_comp_bond         
4 4 'Structure model' database_2             
5 4 'Structure model' pdbx_struct_conn_angle 
6 4 'Structure model' struct_conn            
7 4 'Structure model' struct_site            
# 
loop_
_pdbx_audit_revision_item.ordinal 
_pdbx_audit_revision_item.revision_ordinal 
_pdbx_audit_revision_item.data_content_type 
_pdbx_audit_revision_item.item 
1  3 'Structure model' '_software.classification'                    
2  3 'Structure model' '_software.name'                              
3  3 'Structure model' '_software.version'                           
4  4 'Structure model' '_database_2.pdbx_DOI'                        
5  4 'Structure model' '_database_2.pdbx_database_accession'         
6  4 'Structure model' '_pdbx_struct_conn_angle.ptnr1_auth_comp_id'  
7  4 'Structure model' '_pdbx_struct_conn_angle.ptnr1_auth_seq_id'   
8  4 'Structure model' '_pdbx_struct_conn_angle.ptnr1_label_asym_id' 
9  4 'Structure model' '_pdbx_struct_conn_angle.ptnr1_label_atom_id' 
10 4 'Structure model' '_pdbx_struct_conn_angle.ptnr1_label_comp_id' 
11 4 'Structure model' '_pdbx_struct_conn_angle.ptnr1_label_seq_id'  
12 4 'Structure model' '_pdbx_struct_conn_angle.ptnr3_auth_comp_id'  
13 4 'Structure model' '_pdbx_struct_conn_angle.ptnr3_auth_seq_id'   
14 4 'Structure model' '_pdbx_struct_conn_angle.ptnr3_label_asym_id' 
15 4 'Structure model' '_pdbx_struct_conn_angle.ptnr3_label_atom_id' 
16 4 'Structure model' '_pdbx_struct_conn_angle.ptnr3_label_comp_id' 
17 4 'Structure model' '_pdbx_struct_conn_angle.ptnr3_label_seq_id'  
18 4 'Structure model' '_pdbx_struct_conn_angle.value'               
19 4 'Structure model' '_struct_conn.pdbx_dist_value'                
20 4 'Structure model' '_struct_conn.ptnr1_auth_comp_id'             
21 4 'Structure model' '_struct_conn.ptnr1_auth_seq_id'              
22 4 'Structure model' '_struct_conn.ptnr1_label_asym_id'            
23 4 'Structure model' '_struct_conn.ptnr1_label_atom_id'            
24 4 'Structure model' '_struct_conn.ptnr1_label_comp_id'            
25 4 'Structure model' '_struct_conn.ptnr1_label_seq_id'             
26 4 'Structure model' '_struct_conn.ptnr2_auth_comp_id'             
27 4 'Structure model' '_struct_conn.ptnr2_auth_seq_id'              
28 4 'Structure model' '_struct_conn.ptnr2_label_asym_id'            
29 4 'Structure model' '_struct_conn.ptnr2_label_atom_id'            
30 4 'Structure model' '_struct_conn.ptnr2_label_comp_id'            
31 4 'Structure model' '_struct_conn.ptnr2_label_seq_id'             
32 4 'Structure model' '_struct_site.pdbx_auth_asym_id'              
33 4 'Structure model' '_struct_site.pdbx_auth_comp_id'              
34 4 'Structure model' '_struct_site.pdbx_auth_seq_id'               
# 
_pdbx_database_status.status_code                     REL 
_pdbx_database_status.entry_id                        4E95 
_pdbx_database_status.recvd_initial_deposition_date   2012-03-20 
_pdbx_database_status.deposit_site                    RCSB 
_pdbx_database_status.process_site                    RCSB 
_pdbx_database_status.status_code_sf                  REL 
_pdbx_database_status.status_code_mr                  ? 
_pdbx_database_status.SG_entry                        ? 
_pdbx_database_status.status_code_cs                  ? 
_pdbx_database_status.methods_development_category    ? 
_pdbx_database_status.pdb_format_compatible           Y 
_pdbx_database_status.status_code_nmr_data            ? 
# 
loop_
_pdbx_database_related.db_name 
_pdbx_database_related.db_id 
_pdbx_database_related.details 
_pdbx_database_related.content_type 
PDB 4DX4 . unspecified 
PDB 4E7Y . unspecified 
PDB 4E87 . unspecified 
PDB 4E8S . unspecified 
PDB 4E8X . unspecified 
# 
loop_
_audit_author.name 
_audit_author.pdbx_ordinal 
'Hall, J.P.'   1 
'Cardin, C.J.' 2 
# 
_citation.id                        primary 
_citation.title                     'The effects of disubstitution on the binding of ruthenium complexes to DNA' 
_citation.journal_abbrev            'Thesis, University of Reading' 
_citation.journal_volume            ? 
_citation.page_first                ? 
_citation.page_last                 ? 
_citation.year                      2014 
_citation.journal_id_ASTM           ? 
_citation.country                   ? 
_citation.journal_id_ISSN           ? 
_citation.journal_id_CSD            ? 
_citation.book_publisher            ? 
_citation.pdbx_database_id_PubMed   ? 
_citation.pdbx_database_id_DOI      ? 
# 
_citation_author.citation_id        primary 
_citation_author.name               'Hall, J.P.' 
_citation_author.ordinal            1 
_citation_author.identifier_ORCID   ? 
# 
loop_
_entity.id 
_entity.type 
_entity.src_method 
_entity.pdbx_description 
_entity.formula_weight 
_entity.pdbx_number_of_molecules 
_entity.pdbx_ec 
_entity.pdbx_mutation 
_entity.pdbx_fragment 
_entity.details 
1 polymer     syn "5'-D(*CP*CP*GP*GP*AP*TP*CP*CP*GP*G)-3'" 3045.992 1  ? ? ? ? 
2 non-polymer syn 'BARIUM ION' 137.327  1  ? ? ? ? 
3 non-polymer syn 
"(11,12-dimethyldipyrido[3,2-a:2',3'-c]phenazine-kappa~2~N~4~,N~5~)[bis(pyrazino[2,3-f]quinoxaline-kappa~2~N~1~,N~10~)]ruthenium(2+)" 
775.785  1  ? ? ? ? 
4 water       nat water 18.015   38 ? ? ? ? 
# 
_entity_poly.entity_id                      1 
_entity_poly.type                           polydeoxyribonucleotide 
_entity_poly.nstd_linkage                   no 
_entity_poly.nstd_monomer                   no 
_entity_poly.pdbx_seq_one_letter_code       '(DC)(DC)(DG)(DG)(DA)(DT)(DC)(DC)(DG)(DG)' 
_entity_poly.pdbx_seq_one_letter_code_can   CCGGATCCGG 
_entity_poly.pdbx_strand_id                 A 
_entity_poly.pdbx_target_identifier         ? 
# 
loop_
_pdbx_entity_nonpoly.entity_id 
_pdbx_entity_nonpoly.name 
_pdbx_entity_nonpoly.comp_id 
2 'BARIUM ION' BA  
3 
"(11,12-dimethyldipyrido[3,2-a:2',3'-c]phenazine-kappa~2~N~4~,N~5~)[bis(pyrazino[2,3-f]quinoxaline-kappa~2~N~1~,N~10~)]ruthenium(2+)" 
RML 
4 water HOH 
# 
loop_
_entity_poly_seq.entity_id 
_entity_poly_seq.num 
_entity_poly_seq.mon_id 
_entity_poly_seq.hetero 
1 1  DC n 
1 2  DC n 
1 3  DG n 
1 4  DG n 
1 5  DA n 
1 6  DT n 
1 7  DC n 
1 8  DC n 
1 9  DG n 
1 10 DG n 
# 
_pdbx_entity_src_syn.entity_id              1 
_pdbx_entity_src_syn.pdbx_src_id            1 
_pdbx_entity_src_syn.pdbx_alt_source_flag   sample 
_pdbx_entity_src_syn.pdbx_beg_seq_num       ? 
_pdbx_entity_src_syn.pdbx_end_seq_num       ? 
_pdbx_entity_src_syn.organism_scientific    'synthetic construct' 
_pdbx_entity_src_syn.organism_common_name   ? 
_pdbx_entity_src_syn.ncbi_taxonomy_id       32630 
_pdbx_entity_src_syn.details                'DNA Purchased from ATDBio' 
# 
loop_
_chem_comp.id 
_chem_comp.type 
_chem_comp.mon_nstd_flag 
_chem_comp.name 
_chem_comp.pdbx_synonyms 
_chem_comp.formula 
_chem_comp.formula_weight 
BA  non-polymer   . 'BARIUM ION' ?                                                                                'Ba 2' 137.327 
DA  'DNA linking' y "2'-DEOXYADENOSINE-5'-MONOPHOSPHATE" ? 'C10 H14 N5 O6 P'  331.222 
DC  'DNA linking' y "2'-DEOXYCYTIDINE-5'-MONOPHOSPHATE" ? 'C9 H14 N3 O7 P'   307.197 
DG  'DNA linking' y "2'-DEOXYGUANOSINE-5'-MONOPHOSPHATE" ? 'C10 H14 N5 O7 P'  347.221 
DT  'DNA linking' y "THYMIDINE-5'-MONOPHOSPHATE" ?                                                                                
'C10 H15 N2 O8 P'  322.208 
HOH non-polymer   . WATER ?                                                                                'H2 O'             
18.015  
RML non-polymer   . 
"(11,12-dimethyldipyrido[3,2-a:2',3'-c]phenazine-kappa~2~N~4~,N~5~)[bis(pyrazino[2,3-f]quinoxaline-kappa~2~N~1~,N~10~)]ruthenium(2+)" 
'Lambda-[Ru(1,4,5,8-tetraazaphenanthrene)2(11,12-dimethyl-dipyridophenazine)]2+' 'C40 H26 N12 Ru 2' 775.785 
# 
loop_
_pdbx_poly_seq_scheme.asym_id 
_pdbx_poly_seq_scheme.entity_id 
_pdbx_poly_seq_scheme.seq_id 
_pdbx_poly_seq_scheme.mon_id 
_pdbx_poly_seq_scheme.ndb_seq_num 
_pdbx_poly_seq_scheme.pdb_seq_num 
_pdbx_poly_seq_scheme.auth_seq_num 
_pdbx_poly_seq_scheme.pdb_mon_id 
_pdbx_poly_seq_scheme.auth_mon_id 
_pdbx_poly_seq_scheme.pdb_strand_id 
_pdbx_poly_seq_scheme.pdb_ins_code 
_pdbx_poly_seq_scheme.hetero 
A 1 1  DC 1  1  1  DC DC A . n 
A 1 2  DC 2  2  2  DC DC A . n 
A 1 3  DG 3  3  3  DG DG A . n 
A 1 4  DG 4  4  4  DG DG A . n 
A 1 5  DA 5  5  5  DA DA A . n 
A 1 6  DT 6  6  6  DT DT A . n 
A 1 7  DC 7  7  7  DC DC A . n 
A 1 8  DC 8  8  8  DC DC A . n 
A 1 9  DG 9  9  9  DG DG A . n 
A 1 10 DG 10 10 10 DG DG A . n 
# 
loop_
_pdbx_nonpoly_scheme.asym_id 
_pdbx_nonpoly_scheme.entity_id 
_pdbx_nonpoly_scheme.mon_id 
_pdbx_nonpoly_scheme.ndb_seq_num 
_pdbx_nonpoly_scheme.pdb_seq_num 
_pdbx_nonpoly_scheme.auth_seq_num 
_pdbx_nonpoly_scheme.pdb_mon_id 
_pdbx_nonpoly_scheme.auth_mon_id 
_pdbx_nonpoly_scheme.pdb_strand_id 
_pdbx_nonpoly_scheme.pdb_ins_code 
B 2 BA  1  101 1  BA  BA  A . 
C 3 RML 1  102 1  RML RML A . 
D 4 HOH 1  201 1  HOH HOH A . 
D 4 HOH 2  202 2  HOH HOH A . 
D 4 HOH 3  203 3  HOH HOH A . 
D 4 HOH 4  204 4  HOH HOH A . 
D 4 HOH 5  205 5  HOH HOH A . 
D 4 HOH 6  206 6  HOH HOH A . 
D 4 HOH 7  207 7  HOH HOH A . 
D 4 HOH 8  208 8  HOH HOH A . 
D 4 HOH 9  209 9  HOH HOH A . 
D 4 HOH 10 210 10 HOH HOH A . 
D 4 HOH 11 211 11 HOH HOH A . 
D 4 HOH 12 212 12 HOH HOH A . 
D 4 HOH 13 213 13 HOH HOH A . 
D 4 HOH 14 214 14 HOH HOH A . 
D 4 HOH 15 215 15 HOH HOH A . 
D 4 HOH 16 216 16 HOH HOH A . 
D 4 HOH 17 217 17 HOH HOH A . 
D 4 HOH 18 218 18 HOH HOH A . 
D 4 HOH 19 219 19 HOH HOH A . 
D 4 HOH 20 220 20 HOH HOH A . 
D 4 HOH 21 221 21 HOH HOH A . 
D 4 HOH 22 222 22 HOH HOH A . 
D 4 HOH 23 223 23 HOH HOH A . 
D 4 HOH 24 224 24 HOH HOH A . 
D 4 HOH 25 225 25 HOH HOH A . 
D 4 HOH 26 226 26 HOH HOH A . 
D 4 HOH 27 227 27 HOH HOH A . 
D 4 HOH 28 228 28 HOH HOH A . 
D 4 HOH 29 229 29 HOH HOH A . 
D 4 HOH 30 230 30 HOH HOH A . 
D 4 HOH 31 231 31 HOH HOH A . 
D 4 HOH 32 232 32 HOH HOH A . 
D 4 HOH 33 233 33 HOH HOH A . 
D 4 HOH 34 234 34 HOH HOH A . 
D 4 HOH 35 235 35 HOH HOH A . 
D 4 HOH 36 236 36 HOH HOH A . 
D 4 HOH 37 237 37 HOH HOH A . 
D 4 HOH 38 238 38 HOH HOH A . 
# 
loop_
_software.name 
_software.classification 
_software.version 
_software.citation_id 
_software.pdbx_ordinal 
GDA     'data collection' .        ? 1 
SHELXCD phasing           .        ? 2 
SHELXE  'model building'  .        ? 3 
REFMAC  refinement        5.6.0117 ? 4 
XDS     'data reduction'  .        ? 5 
SCALA   'data scaling'    .        ? 6 
# 
_cell.entry_id           4E95 
_cell.length_a           47.440 
_cell.length_b           47.440 
_cell.length_c           34.530 
_cell.angle_alpha        90.00 
_cell.angle_beta         90.00 
_cell.angle_gamma        90.00 
_cell.Z_PDB              8 
_cell.pdbx_unique_axis   ? 
_cell.length_a_esd       ? 
_cell.length_b_esd       ? 
_cell.length_c_esd       ? 
_cell.angle_alpha_esd    ? 
_cell.angle_beta_esd     ? 
_cell.angle_gamma_esd    ? 
# 
_symmetry.entry_id                         4E95 
_symmetry.space_group_name_H-M             'P 43 21 2' 
_symmetry.pdbx_full_space_group_name_H-M   ? 
_symmetry.cell_setting                     ? 
_symmetry.Int_Tables_number                96 
_symmetry.space_group_name_Hall            ? 
# 
_exptl.entry_id          4E95 
_exptl.method            'X-RAY DIFFRACTION' 
_exptl.crystals_number   1 
# 
_exptl_crystal.id                    1 
_exptl_crystal.density_meas          ? 
_exptl_crystal.density_Matthews      3.19 
_exptl_crystal.density_percent_sol   61.43 
_exptl_crystal.description           ? 
_exptl_crystal.F_000                 ? 
_exptl_crystal.preparation           ? 
# 
_exptl_crystal_grow.crystal_id      1 
_exptl_crystal_grow.method          'VAPOR DIFFUSION, SITTING DROP' 
_exptl_crystal_grow.temp            298 
_exptl_crystal_grow.temp_details    ? 
_exptl_crystal_grow.pH              6 
_exptl_crystal_grow.pdbx_details    
;1ul 2mM DNA, 1ul 4mM lambda-[Ru(TAP)2(dppz-(Me)2]Cl2, 6ul 10% 2-methyl-2,4-pentanediol, 40mM sodium cacodylate, 12mM spermine tetra-HCl, 80mM potassium chloride, 20mM barium chloride, VAPOR DIFFUSION, SITTING DROP, temperature 298K
;
_exptl_crystal_grow.pdbx_pH_range   ? 
# 
_diffrn.id                     1 
_diffrn.ambient_temp           100 
_diffrn.ambient_temp_details   ? 
_diffrn.crystal_id             1 
# 
_diffrn_detector.diffrn_id              1 
_diffrn_detector.detector               CCD 
_diffrn_detector.type                   'ADSC QUANTUM 315r' 
_diffrn_detector.pdbx_collection_date   2012-03-12 
_diffrn_detector.details                ? 
# 
_diffrn_radiation.diffrn_id                        1 
_diffrn_radiation.wavelength_id                    1 
_diffrn_radiation.pdbx_monochromatic_or_laue_m_l   M 
_diffrn_radiation.monochromator                    'Dual crystal Si(111)' 
_diffrn_radiation.pdbx_diffrn_protocol             'SINGLE WAVELENGTH' 
_diffrn_radiation.pdbx_scattering_type             x-ray 
# 
_diffrn_radiation_wavelength.id           1 
_diffrn_radiation_wavelength.wavelength   0.9795 
_diffrn_radiation_wavelength.wt           1.0 
# 
_diffrn_source.diffrn_id                   1 
_diffrn_source.source                      SYNCHROTRON 
_diffrn_source.type                        'DIAMOND BEAMLINE I02' 
_diffrn_source.pdbx_synchrotron_site       Diamond 
_diffrn_source.pdbx_synchrotron_beamline   I02 
_diffrn_source.pdbx_wavelength             ? 
_diffrn_source.pdbx_wavelength_list        0.9795 
# 
_reflns.entry_id                     4E95 
_reflns.observed_criterion_sigma_I   ? 
_reflns.observed_criterion_sigma_F   ? 
_reflns.d_resolution_low             34.53 
_reflns.d_resolution_high            1.94 
_reflns.number_obs                   3216 
_reflns.number_all                   3219 
_reflns.percent_possible_obs         99.9 
_reflns.pdbx_Rmerge_I_obs            ? 
_reflns.pdbx_Rsym_value              ? 
_reflns.pdbx_netI_over_sigmaI        ? 
_reflns.B_iso_Wilson_estimate        ? 
_reflns.pdbx_redundancy              ? 
_reflns.R_free_details               ? 
_reflns.limit_h_max                  ? 
_reflns.limit_h_min                  ? 
_reflns.limit_k_max                  ? 
_reflns.limit_k_min                  ? 
_reflns.limit_l_max                  ? 
_reflns.limit_l_min                  ? 
_reflns.observed_criterion_F_max     ? 
_reflns.observed_criterion_F_min     ? 
_reflns.pdbx_chi_squared             ? 
_reflns.pdbx_scaling_rejects         ? 
_reflns.pdbx_ordinal                 1 
_reflns.pdbx_diffrn_id               1 
# 
_reflns_shell.d_res_high             1.94 
_reflns_shell.d_res_low              1.99 
_reflns_shell.percent_possible_all   100 
_reflns_shell.Rmerge_I_obs           ? 
_reflns_shell.pdbx_Rsym_value        ? 
_reflns_shell.meanI_over_sigI_obs    ? 
_reflns_shell.pdbx_redundancy        ? 
_reflns_shell.percent_possible_obs   ? 
_reflns_shell.number_unique_all      ? 
_reflns_shell.number_measured_all    ? 
_reflns_shell.number_measured_obs    ? 
_reflns_shell.number_unique_obs      ? 
_reflns_shell.pdbx_chi_squared       ? 
_reflns_shell.pdbx_ordinal           1 
_reflns_shell.pdbx_diffrn_id         1 
# 
_refine.entry_id                                 4E95 
_refine.ls_number_reflns_obs                     3055 
_refine.ls_number_reflns_all                     3055 
_refine.pdbx_ls_sigma_I                          ? 
_refine.pdbx_ls_sigma_F                          . 
_refine.pdbx_data_cutoff_high_absF               ? 
_refine.pdbx_data_cutoff_low_absF                ? 
_refine.pdbx_data_cutoff_high_rms_absF           ? 
_refine.ls_d_res_low                             33.55 
_refine.ls_d_res_high                            1.94 
_refine.ls_percent_reflns_obs                    100.00 
_refine.ls_R_factor_obs                          0.18603 
_refine.ls_R_factor_all                          ? 
_refine.ls_R_factor_R_work                       0.18331 
_refine.ls_R_factor_R_free                       0.24635 
_refine.ls_R_factor_R_free_error                 ? 
_refine.ls_R_factor_R_free_error_details         ? 
_refine.ls_percent_reflns_R_free                 4.4 
_refine.ls_number_reflns_R_free                  139 
_refine.ls_number_parameters                     ? 
_refine.ls_number_restraints                     ? 
_refine.occupancy_min                            ? 
_refine.occupancy_max                            ? 
_refine.correlation_coeff_Fo_to_Fc               0.959 
_refine.correlation_coeff_Fo_to_Fc_free          0.908 
_refine.B_iso_mean                               33.236 
_refine.aniso_B[1][1]                            0.33 
_refine.aniso_B[2][2]                            0.33 
_refine.aniso_B[3][3]                            -0.66 
_refine.aniso_B[1][2]                            0.00 
_refine.aniso_B[1][3]                            0.00 
_refine.aniso_B[2][3]                            0.00 
_refine.solvent_model_details                    MASK 
_refine.solvent_model_param_ksol                 ? 
_refine.solvent_model_param_bsol                 ? 
_refine.pdbx_solvent_vdw_probe_radii             1.20 
_refine.pdbx_solvent_ion_probe_radii             0.80 
_refine.pdbx_solvent_shrinkage_radii             0.80 
_refine.pdbx_ls_cross_valid_method               THROUGHOUT 
_refine.details                                  'HYDROGENS HAVE BEEN ADDED IN THE RIDING POSITIONS' 
_refine.pdbx_starting_model                      ? 
_refine.pdbx_method_to_determine_struct          SAD 
_refine.pdbx_isotropic_thermal_model             ? 
_refine.pdbx_stereochemistry_target_values       'MAXIMUM LIKELIHOOD WITH PHASES' 
_refine.pdbx_stereochem_target_val_spec_case     ? 
_refine.pdbx_R_Free_selection_details            RANDOM 
_refine.pdbx_overall_ESU_R                       0.143 
_refine.pdbx_overall_ESU_R_Free                  0.150 
_refine.overall_SU_ML                            0.083 
_refine.pdbx_overall_phase_error                 ? 
_refine.overall_SU_B                             2.865 
_refine.overall_SU_R_Cruickshank_DPI             ? 
_refine.ls_redundancy_reflns_obs                 ? 
_refine.B_iso_min                                ? 
_refine.B_iso_max                                ? 
_refine.overall_SU_R_free                        ? 
_refine.ls_wR_factor_R_free                      ? 
_refine.ls_wR_factor_R_work                      ? 
_refine.overall_FOM_free_R_set                   ? 
_refine.overall_FOM_work_R_set                   ? 
_refine.pdbx_diffrn_id                           1 
_refine.pdbx_refine_id                           'X-RAY DIFFRACTION' 
_refine.pdbx_TLS_residual_ADP_flag               ? 
_refine.pdbx_overall_SU_R_free_Cruickshank_DPI   ? 
_refine.pdbx_overall_SU_R_Blow_DPI               ? 
_refine.pdbx_overall_SU_R_free_Blow_DPI          ? 
# 
_refine_hist.pdbx_refine_id                   'X-RAY DIFFRACTION' 
_refine_hist.cycle_id                         LAST 
_refine_hist.pdbx_number_atoms_protein        0 
_refine_hist.pdbx_number_atoms_nucleic_acid   202 
_refine_hist.pdbx_number_atoms_ligand         54 
_refine_hist.number_atoms_solvent             38 
_refine_hist.number_atoms_total               294 
_refine_hist.d_res_high                       1.94 
_refine_hist.d_res_low                        33.55 
# 
loop_
_refine_ls_restr.type 
_refine_ls_restr.dev_ideal 
_refine_ls_restr.dev_ideal_target 
_refine_ls_restr.weight 
_refine_ls_restr.number 
_refine_ls_restr.pdbx_restraint_function 
_refine_ls_restr.pdbx_refine_id 
r_bond_refined_d             0.022 0.013 ? 292 ? 'X-RAY DIFFRACTION' 
r_bond_other_d               0.002 0.020 ? 129 ? 'X-RAY DIFFRACTION' 
r_angle_refined_deg          3.707 1.751 ? 460 ? 'X-RAY DIFFRACTION' 
r_angle_other_deg            1.712 3.000 ? 298 ? 'X-RAY DIFFRACTION' 
r_dihedral_angle_1_deg       ?     ?     ? ?   ? 'X-RAY DIFFRACTION' 
r_dihedral_angle_2_deg       ?     ?     ? ?   ? 'X-RAY DIFFRACTION' 
r_dihedral_angle_3_deg       ?     ?     ? ?   ? 'X-RAY DIFFRACTION' 
r_dihedral_angle_4_deg       ?     ?     ? ?   ? 'X-RAY DIFFRACTION' 
r_chiral_restr               0.088 0.200 ? 30  ? 'X-RAY DIFFRACTION' 
r_gen_planes_refined         0.029 0.020 ? 176 ? 'X-RAY DIFFRACTION' 
r_gen_planes_other           0.003 0.020 ? 74  ? 'X-RAY DIFFRACTION' 
r_nbd_refined                ?     ?     ? ?   ? 'X-RAY DIFFRACTION' 
r_nbd_other                  ?     ?     ? ?   ? 'X-RAY DIFFRACTION' 
r_nbtor_refined              ?     ?     ? ?   ? 'X-RAY DIFFRACTION' 
r_nbtor_other                ?     ?     ? ?   ? 'X-RAY DIFFRACTION' 
r_xyhbond_nbd_refined        ?     ?     ? ?   ? 'X-RAY DIFFRACTION' 
r_xyhbond_nbd_other          ?     ?     ? ?   ? 'X-RAY DIFFRACTION' 
r_metal_ion_refined          ?     ?     ? ?   ? 'X-RAY DIFFRACTION' 
r_metal_ion_other            ?     ?     ? ?   ? 'X-RAY DIFFRACTION' 
r_symmetry_vdw_refined       ?     ?     ? ?   ? 'X-RAY DIFFRACTION' 
r_symmetry_vdw_other         ?     ?     ? ?   ? 'X-RAY DIFFRACTION' 
r_symmetry_hbond_refined     ?     ?     ? ?   ? 'X-RAY DIFFRACTION' 
r_symmetry_hbond_other       ?     ?     ? ?   ? 'X-RAY DIFFRACTION' 
r_symmetry_metal_ion_refined ?     ?     ? ?   ? 'X-RAY DIFFRACTION' 
r_symmetry_metal_ion_other   ?     ?     ? ?   ? 'X-RAY DIFFRACTION' 
r_mcbond_it                  ?     ?     ? ?   ? 'X-RAY DIFFRACTION' 
r_mcbond_other               ?     ?     ? ?   ? 'X-RAY DIFFRACTION' 
r_mcangle_it                 ?     ?     ? ?   ? 'X-RAY DIFFRACTION' 
r_scbond_it                  ?     ?     ? ?   ? 'X-RAY DIFFRACTION' 
r_scangle_it                 ?     ?     ? ?   ? 'X-RAY DIFFRACTION' 
r_rigid_bond_restr           ?     ?     ? ?   ? 'X-RAY DIFFRACTION' 
r_sphericity_free            ?     ?     ? ?   ? 'X-RAY DIFFRACTION' 
r_sphericity_bonded          ?     ?     ? ?   ? 'X-RAY DIFFRACTION' 
# 
_refine_ls_shell.pdbx_total_number_of_bins_used   20 
_refine_ls_shell.d_res_high                       1.940 
_refine_ls_shell.d_res_low                        1.990 
_refine_ls_shell.number_reflns_R_work             190 
_refine_ls_shell.R_factor_R_work                  0.281 
_refine_ls_shell.percent_reflns_obs               100.00 
_refine_ls_shell.R_factor_R_free                  0.271 
_refine_ls_shell.R_factor_R_free_error            ? 
_refine_ls_shell.percent_reflns_R_free            ? 
_refine_ls_shell.number_reflns_R_free             4 
_refine_ls_shell.number_reflns_all                ? 
_refine_ls_shell.R_factor_all                     ? 
_refine_ls_shell.number_reflns_obs                ? 
_refine_ls_shell.redundancy_reflns_obs            ? 
_refine_ls_shell.pdbx_refine_id                   'X-RAY DIFFRACTION' 
# 
_struct.entry_id                  4E95 
_struct.title                     'Lambda-[Ru(TAP)2(dppz-(Me)2)]2+ bound to CCGGATCCGG' 
_struct.pdbx_model_details        ? 
_struct.pdbx_CASP_flag            ? 
_struct.pdbx_model_type_details   ? 
# 
_struct_keywords.entry_id        4E95 
_struct_keywords.pdbx_keywords   DNA 
_struct_keywords.text            'Intercalation, Photoreactive, Lambda-[Ru(TAP)2(dppz-(Me)2]2+, DNA' 
# 
loop_
_struct_asym.id 
_struct_asym.pdbx_blank_PDB_chainid_flag 
_struct_asym.pdbx_modified 
_struct_asym.entity_id 
_struct_asym.details 
A N N 1 ? 
B N N 2 ? 
C N N 3 ? 
D N N 4 ? 
# 
_struct_ref.id                         1 
_struct_ref.db_name                    PDB 
_struct_ref.db_code                    4E95 
_struct_ref.pdbx_db_accession          4E95 
_struct_ref.entity_id                  1 
_struct_ref.pdbx_align_begin           ? 
_struct_ref.pdbx_seq_one_letter_code   CCGGATCCGG 
_struct_ref.pdbx_db_isoform            ? 
# 
_struct_ref_seq.align_id                      1 
_struct_ref_seq.ref_id                        1 
_struct_ref_seq.pdbx_PDB_id_code              4E95 
_struct_ref_seq.pdbx_strand_id                A 
_struct_ref_seq.seq_align_beg                 1 
_struct_ref_seq.pdbx_seq_align_beg_ins_code   ? 
_struct_ref_seq.seq_align_end                 10 
_struct_ref_seq.pdbx_seq_align_end_ins_code   ? 
_struct_ref_seq.pdbx_db_accession             4E95 
_struct_ref_seq.db_align_beg                  1 
_struct_ref_seq.pdbx_db_align_beg_ins_code    ? 
_struct_ref_seq.db_align_end                  10 
_struct_ref_seq.pdbx_db_align_end_ins_code    ? 
_struct_ref_seq.pdbx_auth_seq_align_beg       1 
_struct_ref_seq.pdbx_auth_seq_align_end       10 
# 
_pdbx_struct_assembly.id                   1 
_pdbx_struct_assembly.details              author_and_software_defined_assembly 
_pdbx_struct_assembly.method_details       PISA 
_pdbx_struct_assembly.oligomeric_details   dimeric 
_pdbx_struct_assembly.oligomeric_count     2 
# 
loop_
_pdbx_struct_assembly_prop.biol_id 
_pdbx_struct_assembly_prop.type 
_pdbx_struct_assembly_prop.value 
_pdbx_struct_assembly_prop.details 
1 'ABSA (A^2)' 2120 ? 
1 MORE         -24  ? 
1 'SSA (A^2)'  4410 ? 
# 
_pdbx_struct_assembly_gen.assembly_id       1 
_pdbx_struct_assembly_gen.oper_expression   1,2 
_pdbx_struct_assembly_gen.asym_id_list      A,B,C,D 
# 
loop_
_pdbx_struct_oper_list.id 
_pdbx_struct_oper_list.type 
_pdbx_struct_oper_list.name 
_pdbx_struct_oper_list.symmetry_operation 
_pdbx_struct_oper_list.matrix[1][1] 
_pdbx_struct_oper_list.matrix[1][2] 
_pdbx_struct_oper_list.matrix[1][3] 
_pdbx_struct_oper_list.vector[1] 
_pdbx_struct_oper_list.matrix[2][1] 
_pdbx_struct_oper_list.matrix[2][2] 
_pdbx_struct_oper_list.matrix[2][3] 
_pdbx_struct_oper_list.vector[2] 
_pdbx_struct_oper_list.matrix[3][1] 
_pdbx_struct_oper_list.matrix[3][2] 
_pdbx_struct_oper_list.matrix[3][3] 
_pdbx_struct_oper_list.vector[3] 
1 'identity operation'         1_555 x,y,z    1.0000000000  0.0000000000  0.0000000000  0.0000000000  0.0000000000  1.0000000000  0.0000000000 0.0000000000 0.0000000000  0.0000000000 1.0000000000 0.0000000000  
2 'crystal symmetry operation' 7_553 y,x,-z-2 -0.9913454069 -0.0344425912 -0.1266806701 -1.2659111509 -0.0344425912 -0.8629291904 0.5041497002 3.0537314538 -0.1266806701 0.5041497002 0.8542745973 -0.9167489391 
# 
_struct_biol.id        1 
_struct_biol.details   ? 
# 
loop_
_struct_conn.id 
_struct_conn.conn_type_id 
_struct_conn.pdbx_leaving_atom_flag 
_struct_conn.pdbx_PDB_id 
_struct_conn.ptnr1_label_asym_id 
_struct_conn.ptnr1_label_comp_id 
_struct_conn.ptnr1_label_seq_id 
_struct_conn.ptnr1_label_atom_id 
_struct_conn.pdbx_ptnr1_label_alt_id 
_struct_conn.pdbx_ptnr1_PDB_ins_code 
_struct_conn.pdbx_ptnr1_standard_comp_id 
_struct_conn.ptnr1_symmetry 
_struct_conn.ptnr2_label_asym_id 
_struct_conn.ptnr2_label_comp_id 
_struct_conn.ptnr2_label_seq_id 
_struct_conn.ptnr2_label_atom_id 
_struct_conn.pdbx_ptnr2_label_alt_id 
_struct_conn.pdbx_ptnr2_PDB_ins_code 
_struct_conn.ptnr1_auth_asym_id 
_struct_conn.ptnr1_auth_comp_id 
_struct_conn.ptnr1_auth_seq_id 
_struct_conn.ptnr2_auth_asym_id 
_struct_conn.ptnr2_auth_comp_id 
_struct_conn.ptnr2_auth_seq_id 
_struct_conn.ptnr2_symmetry 
_struct_conn.pdbx_ptnr3_label_atom_id 
_struct_conn.pdbx_ptnr3_label_seq_id 
_struct_conn.pdbx_ptnr3_label_comp_id 
_struct_conn.pdbx_ptnr3_label_asym_id 
_struct_conn.pdbx_ptnr3_label_alt_id 
_struct_conn.pdbx_ptnr3_PDB_ins_code 
_struct_conn.details 
_struct_conn.pdbx_dist_value 
_struct_conn.pdbx_value_order 
_struct_conn.pdbx_role 
metalc1  metalc ? ? A DG 3 N7 ? ? ? 1_555 B BA  . BA ? ? A DG 3   A BA  101 1_555 ? ? ? ? ? ? ?            3.091 ? ? 
metalc2  metalc ? ? A DG 4 O6 ? ? ? 1_555 B BA  . BA ? ? A DG 4   A BA  101 1_555 ? ? ? ? ? ? ?            2.881 ? ? 
metalc3  metalc ? ? B BA . BA ? ? ? 1_555 D HOH . O  ? ? A BA 101 A HOH 201 1_555 ? ? ? ? ? ? ?            2.962 ? ? 
metalc4  metalc ? ? B BA . BA ? ? ? 1_555 D HOH . O  ? ? A BA 101 A HOH 202 1_555 ? ? ? ? ? ? ?            3.004 ? ? 
metalc5  metalc ? ? B BA . BA ? ? ? 1_555 D HOH . O  ? ? A BA 101 A HOH 204 1_555 ? ? ? ? ? ? ?            2.898 ? ? 
metalc6  metalc ? ? B BA . BA ? ? ? 1_555 D HOH . O  ? ? A BA 101 A HOH 208 1_555 ? ? ? ? ? ? ?            3.069 ? ? 
metalc7  metalc ? ? B BA . BA ? ? ? 1_555 D HOH . O  ? ? A BA 101 A HOH 215 1_555 ? ? ? ? ? ? ?            3.137 ? ? 
hydrog1  hydrog ? ? A DC 2 N3 ? ? ? 1_555 A DG  9 N1 ? ? A DC 2   A DG  9   7_553 ? ? ? ? ? ? WATSON-CRICK ?     ? ? 
hydrog2  hydrog ? ? A DC 2 N4 ? ? ? 1_555 A DG  9 O6 ? ? A DC 2   A DG  9   7_553 ? ? ? ? ? ? WATSON-CRICK ?     ? ? 
hydrog3  hydrog ? ? A DC 2 O2 ? ? ? 1_555 A DG  9 N2 ? ? A DC 2   A DG  9   7_553 ? ? ? ? ? ? WATSON-CRICK ?     ? ? 
hydrog4  hydrog ? ? A DG 3 N1 ? ? ? 1_555 A DC  8 N3 ? ? A DG 3   A DC  8   7_553 ? ? ? ? ? ? WATSON-CRICK ?     ? ? 
hydrog5  hydrog ? ? A DG 3 N2 ? ? ? 1_555 A DC  8 O2 ? ? A DG 3   A DC  8   7_553 ? ? ? ? ? ? WATSON-CRICK ?     ? ? 
hydrog6  hydrog ? ? A DG 3 O6 ? ? ? 1_555 A DC  8 N4 ? ? A DG 3   A DC  8   7_553 ? ? ? ? ? ? WATSON-CRICK ?     ? ? 
hydrog7  hydrog ? ? A DG 4 N1 ? ? ? 1_555 A DC  7 N3 ? ? A DG 4   A DC  7   7_553 ? ? ? ? ? ? WATSON-CRICK ?     ? ? 
hydrog8  hydrog ? ? A DG 4 N2 ? ? ? 1_555 A DC  7 O2 ? ? A DG 4   A DC  7   7_553 ? ? ? ? ? ? WATSON-CRICK ?     ? ? 
hydrog9  hydrog ? ? A DG 4 O6 ? ? ? 1_555 A DC  7 N4 ? ? A DG 4   A DC  7   7_553 ? ? ? ? ? ? WATSON-CRICK ?     ? ? 
hydrog10 hydrog ? ? A DA 5 N1 ? ? ? 1_555 A DT  6 N3 ? ? A DA 5   A DT  6   7_553 ? ? ? ? ? ? WATSON-CRICK ?     ? ? 
hydrog11 hydrog ? ? A DA 5 N6 ? ? ? 1_555 A DT  6 O4 ? ? A DA 5   A DT  6   7_553 ? ? ? ? ? ? WATSON-CRICK ?     ? ? 
hydrog12 hydrog ? ? A DT 6 N3 ? ? ? 1_555 A DA  5 N1 ? ? A DT 6   A DA  5   7_553 ? ? ? ? ? ? WATSON-CRICK ?     ? ? 
hydrog13 hydrog ? ? A DT 6 O4 ? ? ? 1_555 A DA  5 N6 ? ? A DT 6   A DA  5   7_553 ? ? ? ? ? ? WATSON-CRICK ?     ? ? 
hydrog14 hydrog ? ? A DC 7 N3 ? ? ? 1_555 A DG  4 N1 ? ? A DC 7   A DG  4   7_553 ? ? ? ? ? ? WATSON-CRICK ?     ? ? 
hydrog15 hydrog ? ? A DC 7 N4 ? ? ? 1_555 A DG  4 O6 ? ? A DC 7   A DG  4   7_553 ? ? ? ? ? ? WATSON-CRICK ?     ? ? 
hydrog16 hydrog ? ? A DC 7 O2 ? ? ? 1_555 A DG  4 N2 ? ? A DC 7   A DG  4   7_553 ? ? ? ? ? ? WATSON-CRICK ?     ? ? 
hydrog17 hydrog ? ? A DC 8 N3 ? ? ? 1_555 A DG  3 N1 ? ? A DC 8   A DG  3   7_553 ? ? ? ? ? ? WATSON-CRICK ?     ? ? 
hydrog18 hydrog ? ? A DC 8 N4 ? ? ? 1_555 A DG  3 O6 ? ? A DC 8   A DG  3   7_553 ? ? ? ? ? ? WATSON-CRICK ?     ? ? 
hydrog19 hydrog ? ? A DC 8 O2 ? ? ? 1_555 A DG  3 N2 ? ? A DC 8   A DG  3   7_553 ? ? ? ? ? ? WATSON-CRICK ?     ? ? 
hydrog20 hydrog ? ? A DG 9 N1 ? ? ? 1_555 A DC  2 N3 ? ? A DG 9   A DC  2   7_553 ? ? ? ? ? ? WATSON-CRICK ?     ? ? 
hydrog21 hydrog ? ? A DG 9 N2 ? ? ? 1_555 A DC  2 O2 ? ? A DG 9   A DC  2   7_553 ? ? ? ? ? ? WATSON-CRICK ?     ? ? 
hydrog22 hydrog ? ? A DG 9 O6 ? ? ? 1_555 A DC  2 N4 ? ? A DG 9   A DC  2   7_553 ? ? ? ? ? ? WATSON-CRICK ?     ? ? 
# 
loop_
_struct_conn_type.id 
_struct_conn_type.criteria 
_struct_conn_type.reference 
metalc ? ? 
hydrog ? ? 
# 
loop_
_pdbx_struct_conn_angle.id 
_pdbx_struct_conn_angle.ptnr1_label_atom_id 
_pdbx_struct_conn_angle.ptnr1_label_alt_id 
_pdbx_struct_conn_angle.ptnr1_label_asym_id 
_pdbx_struct_conn_angle.ptnr1_label_comp_id 
_pdbx_struct_conn_angle.ptnr1_label_seq_id 
_pdbx_struct_conn_angle.ptnr1_auth_atom_id 
_pdbx_struct_conn_angle.ptnr1_auth_asym_id 
_pdbx_struct_conn_angle.ptnr1_auth_comp_id 
_pdbx_struct_conn_angle.ptnr1_auth_seq_id 
_pdbx_struct_conn_angle.ptnr1_PDB_ins_code 
_pdbx_struct_conn_angle.ptnr1_symmetry 
_pdbx_struct_conn_angle.ptnr2_label_atom_id 
_pdbx_struct_conn_angle.ptnr2_label_alt_id 
_pdbx_struct_conn_angle.ptnr2_label_asym_id 
_pdbx_struct_conn_angle.ptnr2_label_comp_id 
_pdbx_struct_conn_angle.ptnr2_label_seq_id 
_pdbx_struct_conn_angle.ptnr2_auth_atom_id 
_pdbx_struct_conn_angle.ptnr2_auth_asym_id 
_pdbx_struct_conn_angle.ptnr2_auth_comp_id 
_pdbx_struct_conn_angle.ptnr2_auth_seq_id 
_pdbx_struct_conn_angle.ptnr2_PDB_ins_code 
_pdbx_struct_conn_angle.ptnr2_symmetry 
_pdbx_struct_conn_angle.ptnr3_label_atom_id 
_pdbx_struct_conn_angle.ptnr3_label_alt_id 
_pdbx_struct_conn_angle.ptnr3_label_asym_id 
_pdbx_struct_conn_angle.ptnr3_label_comp_id 
_pdbx_struct_conn_angle.ptnr3_label_seq_id 
_pdbx_struct_conn_angle.ptnr3_auth_atom_id 
_pdbx_struct_conn_angle.ptnr3_auth_asym_id 
_pdbx_struct_conn_angle.ptnr3_auth_comp_id 
_pdbx_struct_conn_angle.ptnr3_auth_seq_id 
_pdbx_struct_conn_angle.ptnr3_PDB_ins_code 
_pdbx_struct_conn_angle.ptnr3_symmetry 
_pdbx_struct_conn_angle.value 
_pdbx_struct_conn_angle.value_esd 
1  N7 ? A DG  3 ? A DG  3   ? 1_555 BA ? B BA . ? A BA 101 ? 1_555 O6 ? A DG  4 ? A DG  4   ? 1_555 74.7  ? 
2  N7 ? A DG  3 ? A DG  3   ? 1_555 BA ? B BA . ? A BA 101 ? 1_555 O  ? D HOH . ? A HOH 201 ? 1_555 74.0  ? 
3  O6 ? A DG  4 ? A DG  4   ? 1_555 BA ? B BA . ? A BA 101 ? 1_555 O  ? D HOH . ? A HOH 201 ? 1_555 69.7  ? 
4  N7 ? A DG  3 ? A DG  3   ? 1_555 BA ? B BA . ? A BA 101 ? 1_555 O  ? D HOH . ? A HOH 202 ? 1_555 73.4  ? 
5  O6 ? A DG  4 ? A DG  4   ? 1_555 BA ? B BA . ? A BA 101 ? 1_555 O  ? D HOH . ? A HOH 202 ? 1_555 139.0 ? 
6  O  ? D HOH . ? A HOH 201 ? 1_555 BA ? B BA . ? A BA 101 ? 1_555 O  ? D HOH . ? A HOH 202 ? 1_555 77.2  ? 
7  N7 ? A DG  3 ? A DG  3   ? 1_555 BA ? B BA . ? A BA 101 ? 1_555 O  ? D HOH . ? A HOH 204 ? 1_555 141.8 ? 
8  O6 ? A DG  4 ? A DG  4   ? 1_555 BA ? B BA . ? A BA 101 ? 1_555 O  ? D HOH . ? A HOH 204 ? 1_555 141.2 ? 
9  O  ? D HOH . ? A HOH 201 ? 1_555 BA ? B BA . ? A BA 101 ? 1_555 O  ? D HOH . ? A HOH 204 ? 1_555 103.0 ? 
10 O  ? D HOH . ? A HOH 202 ? 1_555 BA ? B BA . ? A BA 101 ? 1_555 O  ? D HOH . ? A HOH 204 ? 1_555 68.9  ? 
11 N7 ? A DG  3 ? A DG  3   ? 1_555 BA ? B BA . ? A BA 101 ? 1_555 O  ? D HOH . ? A HOH 208 ? 1_555 78.6  ? 
12 O6 ? A DG  4 ? A DG  4   ? 1_555 BA ? B BA . ? A BA 101 ? 1_555 O  ? D HOH . ? A HOH 208 ? 1_555 130.3 ? 
13 O  ? D HOH . ? A HOH 201 ? 1_555 BA ? B BA . ? A BA 101 ? 1_555 O  ? D HOH . ? A HOH 208 ? 1_555 139.3 ? 
14 O  ? D HOH . ? A HOH 202 ? 1_555 BA ? B BA . ? A BA 101 ? 1_555 O  ? D HOH . ? A HOH 208 ? 1_555 66.5  ? 
15 O  ? D HOH . ? A HOH 204 ? 1_555 BA ? B BA . ? A BA 101 ? 1_555 O  ? D HOH . ? A HOH 208 ? 1_555 80.8  ? 
16 N7 ? A DG  3 ? A DG  3   ? 1_555 BA ? B BA . ? A BA 101 ? 1_555 O  ? D HOH . ? A HOH 215 ? 1_555 139.8 ? 
17 O6 ? A DG  4 ? A DG  4   ? 1_555 BA ? B BA . ? A BA 101 ? 1_555 O  ? D HOH . ? A HOH 215 ? 1_555 73.3  ? 
18 O  ? D HOH . ? A HOH 201 ? 1_555 BA ? B BA . ? A BA 101 ? 1_555 O  ? D HOH . ? A HOH 215 ? 1_555 72.6  ? 
19 O  ? D HOH . ? A HOH 202 ? 1_555 BA ? B BA . ? A BA 101 ? 1_555 O  ? D HOH . ? A HOH 215 ? 1_555 119.1 ? 
20 O  ? D HOH . ? A HOH 204 ? 1_555 BA ? B BA . ? A BA 101 ? 1_555 O  ? D HOH . ? A HOH 215 ? 1_555 68.3  ? 
21 O  ? D HOH . ? A HOH 208 ? 1_555 BA ? B BA . ? A BA 101 ? 1_555 O  ? D HOH . ? A HOH 215 ? 1_555 141.4 ? 
# 
loop_
_struct_site.id 
_struct_site.pdbx_evidence_code 
_struct_site.pdbx_auth_asym_id 
_struct_site.pdbx_auth_comp_id 
_struct_site.pdbx_auth_seq_id 
_struct_site.pdbx_auth_ins_code 
_struct_site.pdbx_num_residues 
_struct_site.details 
AC1 Software A BA  101 ? 7  'BINDING SITE FOR RESIDUE BA A 101'  
AC2 Software A RML 102 ? 10 'BINDING SITE FOR RESIDUE RML A 102' 
# 
loop_
_struct_site_gen.id 
_struct_site_gen.site_id 
_struct_site_gen.pdbx_num_res 
_struct_site_gen.label_comp_id 
_struct_site_gen.label_asym_id 
_struct_site_gen.label_seq_id 
_struct_site_gen.pdbx_auth_ins_code 
_struct_site_gen.auth_comp_id 
_struct_site_gen.auth_asym_id 
_struct_site_gen.auth_seq_id 
_struct_site_gen.label_atom_id 
_struct_site_gen.label_alt_id 
_struct_site_gen.symmetry 
_struct_site_gen.details 
1  AC1 7  DG  A 3  ? DG  A 3   . ? 1_555 ? 
2  AC1 7  DG  A 4  ? DG  A 4   . ? 1_555 ? 
3  AC1 7  HOH D .  ? HOH A 201 . ? 1_555 ? 
4  AC1 7  HOH D .  ? HOH A 202 . ? 1_555 ? 
5  AC1 7  HOH D .  ? HOH A 204 . ? 1_555 ? 
6  AC1 7  HOH D .  ? HOH A 208 . ? 1_555 ? 
7  AC1 7  HOH D .  ? HOH A 217 . ? 7_553 ? 
8  AC2 10 DC  A 1  ? DC  A 1   . ? 1_555 ? 
9  AC2 10 DC  A 2  ? DC  A 2   . ? 1_555 ? 
10 AC2 10 DG  A 3  ? DG  A 3   . ? 1_555 ? 
11 AC2 10 DG  A 3  ? DG  A 3   . ? 4_545 ? 
12 AC2 10 DG  A 4  ? DG  A 4   . ? 4_545 ? 
13 AC2 10 DC  A 7  ? DC  A 7   . ? 6_543 ? 
14 AC2 10 DC  A 8  ? DC  A 8   . ? 6_543 ? 
15 AC2 10 DG  A 9  ? DG  A 9   . ? 7_553 ? 
16 AC2 10 DG  A 10 ? DG  A 10  . ? 7_553 ? 
17 AC2 10 HOH D .  ? HOH A 238 . ? 1_555 ? 
# 
loop_
_pdbx_validate_symm_contact.id 
_pdbx_validate_symm_contact.PDB_model_num 
_pdbx_validate_symm_contact.auth_atom_id_1 
_pdbx_validate_symm_contact.auth_asym_id_1 
_pdbx_validate_symm_contact.auth_comp_id_1 
_pdbx_validate_symm_contact.auth_seq_id_1 
_pdbx_validate_symm_contact.PDB_ins_code_1 
_pdbx_validate_symm_contact.label_alt_id_1 
_pdbx_validate_symm_contact.site_symmetry_1 
_pdbx_validate_symm_contact.auth_atom_id_2 
_pdbx_validate_symm_contact.auth_asym_id_2 
_pdbx_validate_symm_contact.auth_comp_id_2 
_pdbx_validate_symm_contact.auth_seq_id_2 
_pdbx_validate_symm_contact.PDB_ins_code_2 
_pdbx_validate_symm_contact.label_alt_id_2 
_pdbx_validate_symm_contact.site_symmetry_2 
_pdbx_validate_symm_contact.dist 
1 1 N3 A DC 1 ? ? 1_555 O6 A DG 10 ? ? 7_553 1.98 
2 1 N4 A DC 1 ? ? 1_555 O6 A DG 10 ? ? 7_553 2.15 
# 
_pdbx_validate_rmsd_bond.id                        1 
_pdbx_validate_rmsd_bond.PDB_model_num             1 
_pdbx_validate_rmsd_bond.auth_atom_id_1            "O3'" 
_pdbx_validate_rmsd_bond.auth_asym_id_1            A 
_pdbx_validate_rmsd_bond.auth_comp_id_1            DC 
_pdbx_validate_rmsd_bond.auth_seq_id_1             1 
_pdbx_validate_rmsd_bond.PDB_ins_code_1            ? 
_pdbx_validate_rmsd_bond.label_alt_id_1            ? 
_pdbx_validate_rmsd_bond.auth_atom_id_2            P 
_pdbx_validate_rmsd_bond.auth_asym_id_2            A 
_pdbx_validate_rmsd_bond.auth_comp_id_2            DC 
_pdbx_validate_rmsd_bond.auth_seq_id_2             2 
_pdbx_validate_rmsd_bond.PDB_ins_code_2            ? 
_pdbx_validate_rmsd_bond.label_alt_id_2            ? 
_pdbx_validate_rmsd_bond.bond_value                1.532 
_pdbx_validate_rmsd_bond.bond_target_value         1.607 
_pdbx_validate_rmsd_bond.bond_deviation            -0.075 
_pdbx_validate_rmsd_bond.bond_standard_deviation   0.012 
_pdbx_validate_rmsd_bond.linker_flag               Y 
# 
loop_
_pdbx_validate_rmsd_angle.id 
_pdbx_validate_rmsd_angle.PDB_model_num 
_pdbx_validate_rmsd_angle.auth_atom_id_1 
_pdbx_validate_rmsd_angle.auth_asym_id_1 
_pdbx_validate_rmsd_angle.auth_comp_id_1 
_pdbx_validate_rmsd_angle.auth_seq_id_1 
_pdbx_validate_rmsd_angle.PDB_ins_code_1 
_pdbx_validate_rmsd_angle.label_alt_id_1 
_pdbx_validate_rmsd_angle.auth_atom_id_2 
_pdbx_validate_rmsd_angle.auth_asym_id_2 
_pdbx_validate_rmsd_angle.auth_comp_id_2 
_pdbx_validate_rmsd_angle.auth_seq_id_2 
_pdbx_validate_rmsd_angle.PDB_ins_code_2 
_pdbx_validate_rmsd_angle.label_alt_id_2 
_pdbx_validate_rmsd_angle.auth_atom_id_3 
_pdbx_validate_rmsd_angle.auth_asym_id_3 
_pdbx_validate_rmsd_angle.auth_comp_id_3 
_pdbx_validate_rmsd_angle.auth_seq_id_3 
_pdbx_validate_rmsd_angle.PDB_ins_code_3 
_pdbx_validate_rmsd_angle.label_alt_id_3 
_pdbx_validate_rmsd_angle.angle_value 
_pdbx_validate_rmsd_angle.angle_target_value 
_pdbx_validate_rmsd_angle.angle_deviation 
_pdbx_validate_rmsd_angle.angle_standard_deviation 
_pdbx_validate_rmsd_angle.linker_flag 
1 1 "O3'" A DC 1 ? ? P A DC 2 ? ? OP2 A DC 2 ? ? 118.71 110.50 8.21  1.10 Y 
2 1 "O5'" A DC 2 ? ? P A DC 2 ? ? OP1 A DC 2 ? ? 120.87 110.70 10.17 1.20 N 
# 
loop_
_chem_comp_atom.comp_id 
_chem_comp_atom.atom_id 
_chem_comp_atom.type_symbol 
_chem_comp_atom.pdbx_aromatic_flag 
_chem_comp_atom.pdbx_stereo_config 
_chem_comp_atom.pdbx_ordinal 
BA  BA     BA N N 1   
DA  OP3    O  N N 2   
DA  P      P  N N 3   
DA  OP1    O  N N 4   
DA  OP2    O  N N 5   
DA  "O5'"  O  N N 6   
DA  "C5'"  C  N N 7   
DA  "C4'"  C  N R 8   
DA  "O4'"  O  N N 9   
DA  "C3'"  C  N S 10  
DA  "O3'"  O  N N 11  
DA  "C2'"  C  N N 12  
DA  "C1'"  C  N R 13  
DA  N9     N  Y N 14  
DA  C8     C  Y N 15  
DA  N7     N  Y N 16  
DA  C5     C  Y N 17  
DA  C6     C  Y N 18  
DA  N6     N  N N 19  
DA  N1     N  Y N 20  
DA  C2     C  Y N 21  
DA  N3     N  Y N 22  
DA  C4     C  Y N 23  
DA  HOP3   H  N N 24  
DA  HOP2   H  N N 25  
DA  "H5'"  H  N N 26  
DA  "H5''" H  N N 27  
DA  "H4'"  H  N N 28  
DA  "H3'"  H  N N 29  
DA  "HO3'" H  N N 30  
DA  "H2'"  H  N N 31  
DA  "H2''" H  N N 32  
DA  "H1'"  H  N N 33  
DA  H8     H  N N 34  
DA  H61    H  N N 35  
DA  H62    H  N N 36  
DA  H2     H  N N 37  
DC  OP3    O  N N 38  
DC  P      P  N N 39  
DC  OP1    O  N N 40  
DC  OP2    O  N N 41  
DC  "O5'"  O  N N 42  
DC  "C5'"  C  N N 43  
DC  "C4'"  C  N R 44  
DC  "O4'"  O  N N 45  
DC  "C3'"  C  N S 46  
DC  "O3'"  O  N N 47  
DC  "C2'"  C  N N 48  
DC  "C1'"  C  N R 49  
DC  N1     N  N N 50  
DC  C2     C  N N 51  
DC  O2     O  N N 52  
DC  N3     N  N N 53  
DC  C4     C  N N 54  
DC  N4     N  N N 55  
DC  C5     C  N N 56  
DC  C6     C  N N 57  
DC  HOP3   H  N N 58  
DC  HOP2   H  N N 59  
DC  "H5'"  H  N N 60  
DC  "H5''" H  N N 61  
DC  "H4'"  H  N N 62  
DC  "H3'"  H  N N 63  
DC  "HO3'" H  N N 64  
DC  "H2'"  H  N N 65  
DC  "H2''" H  N N 66  
DC  "H1'"  H  N N 67  
DC  H41    H  N N 68  
DC  H42    H  N N 69  
DC  H5     H  N N 70  
DC  H6     H  N N 71  
DG  OP3    O  N N 72  
DG  P      P  N N 73  
DG  OP1    O  N N 74  
DG  OP2    O  N N 75  
DG  "O5'"  O  N N 76  
DG  "C5'"  C  N N 77  
DG  "C4'"  C  N R 78  
DG  "O4'"  O  N N 79  
DG  "C3'"  C  N S 80  
DG  "O3'"  O  N N 81  
DG  "C2'"  C  N N 82  
DG  "C1'"  C  N R 83  
DG  N9     N  Y N 84  
DG  C8     C  Y N 85  
DG  N7     N  Y N 86  
DG  C5     C  Y N 87  
DG  C6     C  N N 88  
DG  O6     O  N N 89  
DG  N1     N  N N 90  
DG  C2     C  N N 91  
DG  N2     N  N N 92  
DG  N3     N  N N 93  
DG  C4     C  Y N 94  
DG  HOP3   H  N N 95  
DG  HOP2   H  N N 96  
DG  "H5'"  H  N N 97  
DG  "H5''" H  N N 98  
DG  "H4'"  H  N N 99  
DG  "H3'"  H  N N 100 
DG  "HO3'" H  N N 101 
DG  "H2'"  H  N N 102 
DG  "H2''" H  N N 103 
DG  "H1'"  H  N N 104 
DG  H8     H  N N 105 
DG  H1     H  N N 106 
DG  H21    H  N N 107 
DG  H22    H  N N 108 
DT  OP3    O  N N 109 
DT  P      P  N N 110 
DT  OP1    O  N N 111 
DT  OP2    O  N N 112 
DT  "O5'"  O  N N 113 
DT  "C5'"  C  N N 114 
DT  "C4'"  C  N R 115 
DT  "O4'"  O  N N 116 
DT  "C3'"  C  N S 117 
DT  "O3'"  O  N N 118 
DT  "C2'"  C  N N 119 
DT  "C1'"  C  N R 120 
DT  N1     N  N N 121 
DT  C2     C  N N 122 
DT  O2     O  N N 123 
DT  N3     N  N N 124 
DT  C4     C  N N 125 
DT  O4     O  N N 126 
DT  C5     C  N N 127 
DT  C7     C  N N 128 
DT  C6     C  N N 129 
DT  HOP3   H  N N 130 
DT  HOP2   H  N N 131 
DT  "H5'"  H  N N 132 
DT  "H5''" H  N N 133 
DT  "H4'"  H  N N 134 
DT  "H3'"  H  N N 135 
DT  "HO3'" H  N N 136 
DT  "H2'"  H  N N 137 
DT  "H2''" H  N N 138 
DT  "H1'"  H  N N 139 
DT  H3     H  N N 140 
DT  H71    H  N N 141 
DT  H72    H  N N 142 
DT  H73    H  N N 143 
DT  H6     H  N N 144 
HOH O      O  N N 145 
HOH H1     H  N N 146 
HOH H2     H  N N 147 
RML C53    C  N N 148 
RML C17    C  Y N 149 
RML C18    C  Y N 150 
RML C52    C  N N 151 
RML C14    C  Y N 152 
RML C16    C  Y N 153 
RML C15    C  Y N 154 
RML N3     N  Y N 155 
RML C13    C  Y N 156 
RML N4     N  Y N 157 
RML C7     C  Y N 158 
RML C6     C  Y N 159 
RML C5     C  Y N 160 
RML C4     C  Y N 161 
RML C3     C  Y N 162 
RML C2     C  Y N 163 
RML C8     C  Y N 164 
RML C10    C  Y N 165 
RML C1     C  Y N 166 
RML N2     N  Y N 167 
RML N1     N  Y N 168 
RML C12    C  Y N 169 
RML C11    C  Y N 170 
RML C9     C  Y N 171 
RML RU     RU N N 172 
RML N8     N  Y N 173 
RML C28    C  Y N 174 
RML C27    C  Y N 175 
RML N7     N  Y N 176 
RML C26    C  Y N 177 
RML C25    C  Y N 178 
RML C24    C  Y N 179 
RML C23    C  Y N 180 
RML C22    C  Y N 181 
RML N6     N  Y N 182 
RML C19    C  Y N 183 
RML N5     N  Y N 184 
RML C20    C  Y N 185 
RML C21    C  Y N 186 
RML N12    N  Y N 187 
RML C38    C  Y N 188 
RML C37    C  Y N 189 
RML N11    N  Y N 190 
RML C36    C  Y N 191 
RML C29    C  Y N 192 
RML N9     N  Y N 193 
RML C30    C  Y N 194 
RML C31    C  Y N 195 
RML C35    C  Y N 196 
RML C34    C  Y N 197 
RML C33    C  Y N 198 
RML C32    C  Y N 199 
RML N10    N  Y N 200 
RML H1     H  N N 201 
RML H2     H  N N 202 
RML H3     H  N N 203 
RML H4     H  N N 204 
RML H5     H  N N 205 
RML H6     H  N N 206 
RML H7     H  N N 207 
RML H8     H  N N 208 
RML H9     H  N N 209 
RML H10    H  N N 210 
RML H11    H  N N 211 
RML H12    H  N N 212 
RML H13    H  N N 213 
RML H14    H  N N 214 
RML H15    H  N N 215 
RML H16    H  N N 216 
RML H17    H  N N 217 
RML H18    H  N N 218 
RML H19    H  N N 219 
RML H20    H  N N 220 
RML H21    H  N N 221 
RML H22    H  N N 222 
RML H23    H  N N 223 
RML H24    H  N N 224 
RML H25    H  N N 225 
RML H26    H  N N 226 
# 
loop_
_chem_comp_bond.comp_id 
_chem_comp_bond.atom_id_1 
_chem_comp_bond.atom_id_2 
_chem_comp_bond.value_order 
_chem_comp_bond.pdbx_aromatic_flag 
_chem_comp_bond.pdbx_stereo_config 
_chem_comp_bond.pdbx_ordinal 
DA  OP3   P      sing N N 1   
DA  OP3   HOP3   sing N N 2   
DA  P     OP1    doub N N 3   
DA  P     OP2    sing N N 4   
DA  P     "O5'"  sing N N 5   
DA  OP2   HOP2   sing N N 6   
DA  "O5'" "C5'"  sing N N 7   
DA  "C5'" "C4'"  sing N N 8   
DA  "C5'" "H5'"  sing N N 9   
DA  "C5'" "H5''" sing N N 10  
DA  "C4'" "O4'"  sing N N 11  
DA  "C4'" "C3'"  sing N N 12  
DA  "C4'" "H4'"  sing N N 13  
DA  "O4'" "C1'"  sing N N 14  
DA  "C3'" "O3'"  sing N N 15  
DA  "C3'" "C2'"  sing N N 16  
DA  "C3'" "H3'"  sing N N 17  
DA  "O3'" "HO3'" sing N N 18  
DA  "C2'" "C1'"  sing N N 19  
DA  "C2'" "H2'"  sing N N 20  
DA  "C2'" "H2''" sing N N 21  
DA  "C1'" N9     sing N N 22  
DA  "C1'" "H1'"  sing N N 23  
DA  N9    C8     sing Y N 24  
DA  N9    C4     sing Y N 25  
DA  C8    N7     doub Y N 26  
DA  C8    H8     sing N N 27  
DA  N7    C5     sing Y N 28  
DA  C5    C6     sing Y N 29  
DA  C5    C4     doub Y N 30  
DA  C6    N6     sing N N 31  
DA  C6    N1     doub Y N 32  
DA  N6    H61    sing N N 33  
DA  N6    H62    sing N N 34  
DA  N1    C2     sing Y N 35  
DA  C2    N3     doub Y N 36  
DA  C2    H2     sing N N 37  
DA  N3    C4     sing Y N 38  
DC  OP3   P      sing N N 39  
DC  OP3   HOP3   sing N N 40  
DC  P     OP1    doub N N 41  
DC  P     OP2    sing N N 42  
DC  P     "O5'"  sing N N 43  
DC  OP2   HOP2   sing N N 44  
DC  "O5'" "C5'"  sing N N 45  
DC  "C5'" "C4'"  sing N N 46  
DC  "C5'" "H5'"  sing N N 47  
DC  "C5'" "H5''" sing N N 48  
DC  "C4'" "O4'"  sing N N 49  
DC  "C4'" "C3'"  sing N N 50  
DC  "C4'" "H4'"  sing N N 51  
DC  "O4'" "C1'"  sing N N 52  
DC  "C3'" "O3'"  sing N N 53  
DC  "C3'" "C2'"  sing N N 54  
DC  "C3'" "H3'"  sing N N 55  
DC  "O3'" "HO3'" sing N N 56  
DC  "C2'" "C1'"  sing N N 57  
DC  "C2'" "H2'"  sing N N 58  
DC  "C2'" "H2''" sing N N 59  
DC  "C1'" N1     sing N N 60  
DC  "C1'" "H1'"  sing N N 61  
DC  N1    C2     sing N N 62  
DC  N1    C6     sing N N 63  
DC  C2    O2     doub N N 64  
DC  C2    N3     sing N N 65  
DC  N3    C4     doub N N 66  
DC  C4    N4     sing N N 67  
DC  C4    C5     sing N N 68  
DC  N4    H41    sing N N 69  
DC  N4    H42    sing N N 70  
DC  C5    C6     doub N N 71  
DC  C5    H5     sing N N 72  
DC  C6    H6     sing N N 73  
DG  OP3   P      sing N N 74  
DG  OP3   HOP3   sing N N 75  
DG  P     OP1    doub N N 76  
DG  P     OP2    sing N N 77  
DG  P     "O5'"  sing N N 78  
DG  OP2   HOP2   sing N N 79  
DG  "O5'" "C5'"  sing N N 80  
DG  "C5'" "C4'"  sing N N 81  
DG  "C5'" "H5'"  sing N N 82  
DG  "C5'" "H5''" sing N N 83  
DG  "C4'" "O4'"  sing N N 84  
DG  "C4'" "C3'"  sing N N 85  
DG  "C4'" "H4'"  sing N N 86  
DG  "O4'" "C1'"  sing N N 87  
DG  "C3'" "O3'"  sing N N 88  
DG  "C3'" "C2'"  sing N N 89  
DG  "C3'" "H3'"  sing N N 90  
DG  "O3'" "HO3'" sing N N 91  
DG  "C2'" "C1'"  sing N N 92  
DG  "C2'" "H2'"  sing N N 93  
DG  "C2'" "H2''" sing N N 94  
DG  "C1'" N9     sing N N 95  
DG  "C1'" "H1'"  sing N N 96  
DG  N9    C8     sing Y N 97  
DG  N9    C4     sing Y N 98  
DG  C8    N7     doub Y N 99  
DG  C8    H8     sing N N 100 
DG  N7    C5     sing Y N 101 
DG  C5    C6     sing N N 102 
DG  C5    C4     doub Y N 103 
DG  C6    O6     doub N N 104 
DG  C6    N1     sing N N 105 
DG  N1    C2     sing N N 106 
DG  N1    H1     sing N N 107 
DG  C2    N2     sing N N 108 
DG  C2    N3     doub N N 109 
DG  N2    H21    sing N N 110 
DG  N2    H22    sing N N 111 
DG  N3    C4     sing N N 112 
DT  OP3   P      sing N N 113 
DT  OP3   HOP3   sing N N 114 
DT  P     OP1    doub N N 115 
DT  P     OP2    sing N N 116 
DT  P     "O5'"  sing N N 117 
DT  OP2   HOP2   sing N N 118 
DT  "O5'" "C5'"  sing N N 119 
DT  "C5'" "C4'"  sing N N 120 
DT  "C5'" "H5'"  sing N N 121 
DT  "C5'" "H5''" sing N N 122 
DT  "C4'" "O4'"  sing N N 123 
DT  "C4'" "C3'"  sing N N 124 
DT  "C4'" "H4'"  sing N N 125 
DT  "O4'" "C1'"  sing N N 126 
DT  "C3'" "O3'"  sing N N 127 
DT  "C3'" "C2'"  sing N N 128 
DT  "C3'" "H3'"  sing N N 129 
DT  "O3'" "HO3'" sing N N 130 
DT  "C2'" "C1'"  sing N N 131 
DT  "C2'" "H2'"  sing N N 132 
DT  "C2'" "H2''" sing N N 133 
DT  "C1'" N1     sing N N 134 
DT  "C1'" "H1'"  sing N N 135 
DT  N1    C2     sing N N 136 
DT  N1    C6     sing N N 137 
DT  C2    O2     doub N N 138 
DT  C2    N3     sing N N 139 
DT  N3    C4     sing N N 140 
DT  N3    H3     sing N N 141 
DT  C4    O4     doub N N 142 
DT  C4    C5     sing N N 143 
DT  C5    C7     sing N N 144 
DT  C5    C6     doub N N 145 
DT  C7    H71    sing N N 146 
DT  C7    H72    sing N N 147 
DT  C7    H73    sing N N 148 
DT  C6    H6     sing N N 149 
HOH O     H1     sing N N 150 
HOH O     H2     sing N N 151 
RML C23   C24    doub Y N 152 
RML C23   C22    sing Y N 153 
RML C24   C25    sing Y N 154 
RML N6    C22    doub Y N 155 
RML N6    C21    sing Y N 156 
RML C22   C19    sing Y N 157 
RML C25   N7     doub Y N 158 
RML C25   C26    sing Y N 159 
RML N7    C27    sing Y N 160 
RML C21   C20    doub Y N 161 
RML C19   C26    sing Y N 162 
RML C19   N5     doub Y N 163 
RML C26   N8     doub Y N 164 
RML C27   C28    doub Y N 165 
RML C20   N5     sing Y N 166 
RML N5    RU     sing N N 167 
RML N8    C28    sing Y N 168 
RML N8    RU     sing N N 169 
RML C38   C37    doub Y N 170 
RML C38   N12    sing Y N 171 
RML C37   N11    sing Y N 172 
RML C12   N1     doub Y N 173 
RML C12   C11    sing Y N 174 
RML N12   RU     sing N N 175 
RML N12   C36    doub Y N 176 
RML RU    N1     sing N N 177 
RML RU    N2     sing N N 178 
RML RU    N9     sing N N 179 
RML N1    C10    sing Y N 180 
RML C11   C9     doub Y N 181 
RML N11   C35    doub Y N 182 
RML C36   C35    sing Y N 183 
RML C36   C29    sing Y N 184 
RML C9    C8     sing Y N 185 
RML C10   C8     doub Y N 186 
RML C10   C1     sing Y N 187 
RML C35   C34    sing Y N 188 
RML N2    C2     doub Y N 189 
RML N2    C1     sing Y N 190 
RML C2    C3     sing Y N 191 
RML C8    C7     sing Y N 192 
RML C1    C5     doub Y N 193 
RML N9    C29    doub Y N 194 
RML N9    C30    sing Y N 195 
RML C29   C32    sing Y N 196 
RML C34   C33    doub Y N 197 
RML C3    C4     doub Y N 198 
RML C7    N4     doub Y N 199 
RML C7    C6     sing Y N 200 
RML C30   C31    doub Y N 201 
RML C5    C4     sing Y N 202 
RML C5    C6     sing Y N 203 
RML N4    C13    sing Y N 204 
RML C6    N3     doub Y N 205 
RML C32   C33    sing Y N 206 
RML C32   N10    doub Y N 207 
RML C31   N10    sing Y N 208 
RML C13   C14    doub Y N 209 
RML C13   C15    sing Y N 210 
RML N3    C15    sing Y N 211 
RML C14   C18    sing Y N 212 
RML C15   C16    doub Y N 213 
RML C18   C52    sing N N 214 
RML C18   C17    doub Y N 215 
RML C16   C17    sing Y N 216 
RML C17   C53    sing N N 217 
RML C53   H1     sing N N 218 
RML C53   H2     sing N N 219 
RML C53   H3     sing N N 220 
RML C52   H4     sing N N 221 
RML C52   H5     sing N N 222 
RML C52   H6     sing N N 223 
RML C14   H7     sing N N 224 
RML C16   H8     sing N N 225 
RML C4    H9     sing N N 226 
RML C3    H10    sing N N 227 
RML C2    H11    sing N N 228 
RML C12   H12    sing N N 229 
RML C11   H13    sing N N 230 
RML C9    H14    sing N N 231 
RML C28   H15    sing N N 232 
RML C27   H16    sing N N 233 
RML C24   H17    sing N N 234 
RML C23   H18    sing N N 235 
RML C20   H19    sing N N 236 
RML C21   H20    sing N N 237 
RML C38   H21    sing N N 238 
RML C37   H22    sing N N 239 
RML C30   H23    sing N N 240 
RML C31   H24    sing N N 241 
RML C34   H25    sing N N 242 
RML C33   H26    sing N N 243 
# 
_ndb_struct_conf_na.entry_id   4E95 
_ndb_struct_conf_na.feature    'b-form double helix' 
# 
loop_
_ndb_struct_na_base_pair.model_number 
_ndb_struct_na_base_pair.i_label_asym_id 
_ndb_struct_na_base_pair.i_label_comp_id 
_ndb_struct_na_base_pair.i_label_seq_id 
_ndb_struct_na_base_pair.i_symmetry 
_ndb_struct_na_base_pair.j_label_asym_id 
_ndb_struct_na_base_pair.j_label_comp_id 
_ndb_struct_na_base_pair.j_label_seq_id 
_ndb_struct_na_base_pair.j_symmetry 
_ndb_struct_na_base_pair.shear 
_ndb_struct_na_base_pair.stretch 
_ndb_struct_na_base_pair.stagger 
_ndb_struct_na_base_pair.buckle 
_ndb_struct_na_base_pair.propeller 
_ndb_struct_na_base_pair.opening 
_ndb_struct_na_base_pair.pair_number 
_ndb_struct_na_base_pair.pair_name 
_ndb_struct_na_base_pair.i_auth_asym_id 
_ndb_struct_na_base_pair.i_auth_seq_id 
_ndb_struct_na_base_pair.i_PDB_ins_code 
_ndb_struct_na_base_pair.j_auth_asym_id 
_ndb_struct_na_base_pair.j_auth_seq_id 
_ndb_struct_na_base_pair.j_PDB_ins_code 
_ndb_struct_na_base_pair.hbond_type_28 
_ndb_struct_na_base_pair.hbond_type_12 
1 A DC 2 1_555 A DG 9 7_553 0.214  -0.045 0.056  -6.242  4.163  3.031  1 A_DC2:DG9_A A 2 ? A 9 ? 19 1 
1 A DG 3 1_555 A DC 8 7_553 -0.398 -0.149 0.164  23.337  -5.180 1.536  2 A_DG3:DC8_A A 3 ? A 8 ? 19 1 
1 A DG 4 1_555 A DC 7 7_553 -0.376 -0.064 -0.072 -10.683 -0.195 1.660  3 A_DG4:DC7_A A 4 ? A 7 ? 19 1 
1 A DA 5 1_555 A DT 6 7_553 0.010  -0.149 0.309  -4.101  -8.512 -0.424 4 A_DA5:DT6_A A 5 ? A 6 ? 20 1 
1 A DT 6 1_555 A DA 5 7_553 -0.010 -0.149 0.309  4.101   -8.512 -0.424 5 A_DT6:DA5_A A 6 ? A 5 ? 20 1 
1 A DC 7 1_555 A DG 4 7_553 0.376  -0.064 -0.072 10.683  -0.195 1.660  6 A_DC7:DG4_A A 7 ? A 4 ? 19 1 
1 A DC 8 1_555 A DG 3 7_553 0.398  -0.149 0.164  -23.337 -5.180 1.536  7 A_DC8:DG3_A A 8 ? A 3 ? 19 1 
1 A DG 9 1_555 A DC 2 7_553 -0.214 -0.045 0.056  6.242   4.163  3.031  8 A_DG9:DC2_A A 9 ? A 2 ? 19 1 
# 
loop_
_ndb_struct_na_base_pair_step.model_number 
_ndb_struct_na_base_pair_step.i_label_asym_id_1 
_ndb_struct_na_base_pair_step.i_label_comp_id_1 
_ndb_struct_na_base_pair_step.i_label_seq_id_1 
_ndb_struct_na_base_pair_step.i_symmetry_1 
_ndb_struct_na_base_pair_step.j_label_asym_id_1 
_ndb_struct_na_base_pair_step.j_label_comp_id_1 
_ndb_struct_na_base_pair_step.j_label_seq_id_1 
_ndb_struct_na_base_pair_step.j_symmetry_1 
_ndb_struct_na_base_pair_step.i_label_asym_id_2 
_ndb_struct_na_base_pair_step.i_label_comp_id_2 
_ndb_struct_na_base_pair_step.i_label_seq_id_2 
_ndb_struct_na_base_pair_step.i_symmetry_2 
_ndb_struct_na_base_pair_step.j_label_asym_id_2 
_ndb_struct_na_base_pair_step.j_label_comp_id_2 
_ndb_struct_na_base_pair_step.j_label_seq_id_2 
_ndb_struct_na_base_pair_step.j_symmetry_2 
_ndb_struct_na_base_pair_step.shift 
_ndb_struct_na_base_pair_step.slide 
_ndb_struct_na_base_pair_step.rise 
_ndb_struct_na_base_pair_step.tilt 
_ndb_struct_na_base_pair_step.roll 
_ndb_struct_na_base_pair_step.twist 
_ndb_struct_na_base_pair_step.x_displacement 
_ndb_struct_na_base_pair_step.y_displacement 
_ndb_struct_na_base_pair_step.helical_rise 
_ndb_struct_na_base_pair_step.inclination 
_ndb_struct_na_base_pair_step.tip 
_ndb_struct_na_base_pair_step.helical_twist 
_ndb_struct_na_base_pair_step.step_number 
_ndb_struct_na_base_pair_step.step_name 
_ndb_struct_na_base_pair_step.i_auth_asym_id_1 
_ndb_struct_na_base_pair_step.i_auth_seq_id_1 
_ndb_struct_na_base_pair_step.i_PDB_ins_code_1 
_ndb_struct_na_base_pair_step.j_auth_asym_id_1 
_ndb_struct_na_base_pair_step.j_auth_seq_id_1 
_ndb_struct_na_base_pair_step.j_PDB_ins_code_1 
_ndb_struct_na_base_pair_step.i_auth_asym_id_2 
_ndb_struct_na_base_pair_step.i_auth_seq_id_2 
_ndb_struct_na_base_pair_step.i_PDB_ins_code_2 
_ndb_struct_na_base_pair_step.j_auth_asym_id_2 
_ndb_struct_na_base_pair_step.j_auth_seq_id_2 
_ndb_struct_na_base_pair_step.j_PDB_ins_code_2 
1 A DC 2 1_555 A DG 9 7_553 A DG 3 1_555 A DC 8 7_553 -0.212 1.726  2.764 0.719  5.204  20.222 2.737  0.865  3.096 14.508 -2.005  
20.886 1 AA_DC2DG3:DC8DG9_AA A 2 ? A 9 ? A 3 ? A 8 ? 
1 A DG 3 1_555 A DC 8 7_553 A DG 4 1_555 A DC 7 7_553 0.066  0.885  5.205 -2.837 50.314 13.478 -5.431 -0.438 2.239 75.875 4.278   
52.051 2 AA_DG3DG4:DC7DC8_AA A 3 ? A 8 ? A 4 ? A 7 ? 
1 A DG 4 1_555 A DC 7 7_553 A DA 5 1_555 A DT 6 7_553 -1.136 0.333  3.243 -9.654 10.405 35.298 -0.888 0.447  3.391 16.366 15.185  
37.961 3 AA_DG4DA5:DT6DC7_AA A 4 ? A 7 ? A 5 ? A 6 ? 
1 A DA 5 1_555 A DT 6 7_553 A DT 6 1_555 A DA 5 7_553 0.000  -0.752 3.124 0.000  5.275  27.077 -2.779 0.000  2.927 11.131 0.000   
27.577 4 AA_DA5DT6:DA5DT6_AA A 5 ? A 6 ? A 6 ? A 5 ? 
1 A DT 6 1_555 A DA 5 7_553 A DC 7 1_555 A DG 4 7_553 1.136  0.333  3.243 9.654  10.405 35.298 -0.888 -0.447 3.391 16.366 -15.185 
37.961 5 AA_DT6DC7:DG4DA5_AA A 6 ? A 5 ? A 7 ? A 4 ? 
1 A DC 7 1_555 A DG 4 7_553 A DC 8 1_555 A DG 3 7_553 -0.066 0.885  5.205 2.837  50.314 13.478 -5.431 0.438  2.239 75.875 -4.278  
52.051 6 AA_DC7DC8:DG3DG4_AA A 7 ? A 4 ? A 8 ? A 3 ? 
1 A DC 8 1_555 A DG 3 7_553 A DG 9 1_555 A DC 2 7_553 0.212  1.726  2.764 -0.719 5.204  20.222 2.737  -0.865 3.096 14.508 2.005   
20.886 7 AA_DC8DG9:DC2DG3_AA A 8 ? A 3 ? A 9 ? A 2 ? 
# 
_atom_sites.entry_id                    4E95 
_atom_sites.fract_transf_matrix[1][1]   0.00061984 
_atom_sites.fract_transf_matrix[1][2]   -0.01036974 
_atom_sites.fract_transf_matrix[1][3]   0.01834144 
_atom_sites.fract_transf_matrix[2][1]   -0.00258082 
_atom_sites.fract_transf_matrix[2][2]   0.01817384 
_atom_sites.fract_transf_matrix[2][3]   0.01036220 
_atom_sites.fract_transf_matrix[3][1]   -0.02872950 
_atom_sites.fract_transf_matrix[3][2]   -0.00350387 
_atom_sites.fract_transf_matrix[3][3]   -0.00101010 
_atom_sites.fract_transf_vector[1]      -0.216292 
_atom_sites.fract_transf_vector[2]      -0.265558 
_atom_sites.fract_transf_vector[3]      -1.013286 
# 
loop_
_atom_type.symbol 
BA 
C  
N  
O  
P  
RU 
# 
loop_
_atom_site.group_PDB 
_atom_site.id 
_atom_site.type_symbol 
_atom_site.label_atom_id 
_atom_site.label_alt_id 
_atom_site.label_comp_id 
_atom_site.label_asym_id 
_atom_site.label_entity_id 
_atom_site.label_seq_id 
_atom_site.pdbx_PDB_ins_code 
_atom_site.Cartn_x 
_atom_site.Cartn_y 
_atom_site.Cartn_z 
_atom_site.occupancy 
_atom_site.B_iso_or_equiv 
_atom_site.pdbx_formal_charge 
_atom_site.auth_seq_id 
_atom_site.auth_comp_id 
_atom_site.auth_asym_id 
_atom_site.auth_atom_id 
_atom_site.pdbx_PDB_model_num 
ATOM   1   O  "O5'" . DC  A 1 1  ? -13.351 -1.336  10.412  0.70 56.35 ? 1   DC  A "O5'" 1 
ATOM   2   C  "C5'" . DC  A 1 1  ? -13.914 -2.385  9.609   0.70 54.03 ? 1   DC  A "C5'" 1 
ATOM   3   C  "C4'" . DC  A 1 1  ? -12.807 -3.334  9.220   0.70 50.42 ? 1   DC  A "C4'" 1 
ATOM   4   O  "O4'" . DC  A 1 1  ? -13.351 -4.467  8.500   0.70 53.53 ? 1   DC  A "O4'" 1 
ATOM   5   C  "C3'" . DC  A 1 1  ? -11.823 -2.681  8.257   0.70 53.70 ? 1   DC  A "C3'" 1 
ATOM   6   O  "O3'" . DC  A 1 1  ? -10.580 -3.357  8.145   0.70 47.64 ? 1   DC  A "O3'" 1 
ATOM   7   C  "C2'" . DC  A 1 1  ? -12.462 -2.953  6.921   0.70 50.63 ? 1   DC  A "C2'" 1 
ATOM   8   C  "C1'" . DC  A 1 1  ? -12.944 -4.374  7.140   0.70 46.72 ? 1   DC  A "C1'" 1 
ATOM   9   N  N1    . DC  A 1 1  ? -14.075 -4.719  6.296   0.70 44.55 ? 1   DC  A N1    1 
ATOM   10  C  C2    . DC  A 1 1  ? -14.213 -6.042  5.890   0.70 38.83 ? 1   DC  A C2    1 
ATOM   11  O  O2    . DC  A 1 1  ? -13.423 -6.883  6.330   0.70 31.85 ? 1   DC  A O2    1 
ATOM   12  N  N3    . DC  A 1 1  ? -15.229 -6.374  5.062   0.70 44.42 ? 1   DC  A N3    1 
ATOM   13  C  C4    . DC  A 1 1  ? -16.095 -5.436  4.660   0.70 49.15 ? 1   DC  A C4    1 
ATOM   14  N  N4    . DC  A 1 1  ? -17.095 -5.805  3.855   0.70 58.08 ? 1   DC  A N4    1 
ATOM   15  C  C5    . DC  A 1 1  ? -15.959 -4.075  5.040   0.70 43.57 ? 1   DC  A C5    1 
ATOM   16  C  C6    . DC  A 1 1  ? -14.943 -3.762  5.847   0.70 44.37 ? 1   DC  A C6    1 
ATOM   17  P  P     . DC  A 1 2  ? -9.457  -2.945  9.102   0.70 52.56 ? 2   DC  A P     1 
ATOM   18  O  OP1   . DC  A 1 2  ? -9.741  -4.018  10.081  0.70 42.10 ? 2   DC  A OP1   1 
ATOM   19  O  OP2   . DC  A 1 2  ? -9.378  -1.535  9.538   0.70 42.38 ? 2   DC  A OP2   1 
ATOM   20  O  "O5'" . DC  A 1 2  ? -8.190  -3.037  8.128   1.00 52.28 ? 2   DC  A "O5'" 1 
ATOM   21  C  "C5'" . DC  A 1 2  ? -6.967  -3.392  8.718   1.00 40.49 ? 2   DC  A "C5'" 1 
ATOM   22  C  "C4'" . DC  A 1 2  ? -6.122  -4.281  7.846   1.00 33.24 ? 2   DC  A "C4'" 1 
ATOM   23  O  "O4'" . DC  A 1 2  ? -6.847  -5.078  6.899   1.00 29.25 ? 2   DC  A "O4'" 1 
ATOM   24  C  "C3'" . DC  A 1 2  ? -5.110  -3.511  7.032   1.00 32.59 ? 2   DC  A "C3'" 1 
ATOM   25  O  "O3'" . DC  A 1 2  ? -3.991  -3.319  7.899   1.00 36.07 ? 2   DC  A "O3'" 1 
ATOM   26  C  "C2'" . DC  A 1 2  ? -4.757  -4.497  5.938   1.00 30.57 ? 2   DC  A "C2'" 1 
ATOM   27  C  "C1'" . DC  A 1 2  ? -6.033  -5.325  5.767   1.00 30.19 ? 2   DC  A "C1'" 1 
ATOM   28  N  N1    . DC  A 1 2  ? -6.841  -5.025  4.591   1.00 29.87 ? 2   DC  A N1    1 
ATOM   29  C  C2    . DC  A 1 2  ? -7.258  -6.081  3.782   1.00 25.40 ? 2   DC  A C2    1 
ATOM   30  O  O2    . DC  A 1 2  ? -6.960  -7.234  4.105   1.00 25.09 ? 2   DC  A O2    1 
ATOM   31  N  N3    . DC  A 1 2  ? -8.071  -5.827  2.737   1.00 24.28 ? 2   DC  A N3    1 
ATOM   32  C  C4    . DC  A 1 2  ? -8.430  -4.575  2.461   1.00 25.63 ? 2   DC  A C4    1 
ATOM   33  N  N4    . DC  A 1 2  ? -9.202  -4.377  1.402   1.00 27.14 ? 2   DC  A N4    1 
ATOM   34  C  C5    . DC  A 1 2  ? -7.983  -3.472  3.242   1.00 26.02 ? 2   DC  A C5    1 
ATOM   35  C  C6    . DC  A 1 2  ? -7.213  -3.741  4.300   1.00 28.88 ? 2   DC  A C6    1 
ATOM   36  P  P     . DG  A 1 3  ? -2.800  -2.418  7.441   1.00 28.92 ? 3   DG  A P     1 
ATOM   37  O  OP1   . DG  A 1 3  ? -2.330  -1.970  8.743   1.00 39.05 ? 3   DG  A OP1   1 
ATOM   38  O  OP2   . DG  A 1 3  ? -3.166  -1.475  6.395   1.00 30.22 ? 3   DG  A OP2   1 
ATOM   39  O  "O5'" . DG  A 1 3  ? -1.806  -3.483  6.813   1.00 25.84 ? 3   DG  A "O5'" 1 
ATOM   40  C  "C5'" . DG  A 1 3  ? -1.378  -4.658  7.525   1.00 29.44 ? 3   DG  A "C5'" 1 
ATOM   41  C  "C4'" . DG  A 1 3  ? -0.785  -5.676  6.579   1.00 34.34 ? 3   DG  A "C4'" 1 
ATOM   42  O  "O4'" . DG  A 1 3  ? -1.840  -6.286  5.796   1.00 36.31 ? 3   DG  A "O4'" 1 
ATOM   43  C  "C3'" . DG  A 1 3  ? 0.230   -5.161  5.557   1.00 36.00 ? 3   DG  A "C3'" 1 
ATOM   44  O  "O3'" . DG  A 1 3  ? 1.570   -5.339  6.045   1.00 33.47 ? 3   DG  A "O3'" 1 
ATOM   45  C  "C2'" . DG  A 1 3  ? 0.036   -6.090  4.372   1.00 37.25 ? 3   DG  A "C2'" 1 
ATOM   46  C  "C1'" . DG  A 1 3  ? -1.425  -6.504  4.468   1.00 31.13 ? 3   DG  A "C1'" 1 
ATOM   47  N  N9    . DG  A 1 3  ? -2.334  -5.759  3.618   1.00 29.76 ? 3   DG  A N9    1 
ATOM   48  C  C8    . DG  A 1 3  ? -2.453  -4.398  3.531   1.00 26.37 ? 3   DG  A C8    1 
ATOM   49  N  N7    . DG  A 1 3  ? -3.379  -4.021  2.696   1.00 23.15 ? 3   DG  A N7    1 
ATOM   50  C  C5    . DG  A 1 3  ? -3.965  -5.201  2.273   1.00 24.45 ? 3   DG  A C5    1 
ATOM   51  C  C6    . DG  A 1 3  ? -5.019  -5.420  1.356   1.00 22.80 ? 3   DG  A C6    1 
ATOM   52  O  O6    . DG  A 1 3  ? -5.698  -4.585  0.748   1.00 28.74 ? 3   DG  A O6    1 
ATOM   53  N  N1    . DG  A 1 3  ? -5.255  -6.770  1.165   1.00 26.48 ? 3   DG  A N1    1 
ATOM   54  C  C2    . DG  A 1 3  ? -4.580  -7.782  1.782   1.00 24.57 ? 3   DG  A C2    1 
ATOM   55  N  N2    . DG  A 1 3  ? -4.949  -9.023  1.438   1.00 26.85 ? 3   DG  A N2    1 
ATOM   56  N  N3    . DG  A 1 3  ? -3.577  -7.594  2.626   1.00 28.41 ? 3   DG  A N3    1 
ATOM   57  C  C4    . DG  A 1 3  ? -3.322  -6.285  2.816   1.00 26.93 ? 3   DG  A C4    1 
ATOM   58  P  P     . DG  A 1 4  ? 2.593   -4.160  5.995   1.00 32.22 ? 4   DG  A P     1 
ATOM   59  O  OP1   . DG  A 1 4  ? 3.791   -4.567  6.833   1.00 34.86 ? 4   DG  A OP1   1 
ATOM   60  O  OP2   . DG  A 1 4  ? 1.998   -2.852  6.180   1.00 35.72 ? 4   DG  A OP2   1 
ATOM   61  O  "O5'" . DG  A 1 4  ? 3.103   -4.210  4.501   1.00 35.24 ? 4   DG  A "O5'" 1 
ATOM   62  C  "C5'" . DG  A 1 4  ? 3.625   -5.443  3.990   1.00 36.56 ? 4   DG  A "C5'" 1 
ATOM   63  C  "C4'" . DG  A 1 4  ? 3.943   -5.329  2.521   1.00 37.38 ? 4   DG  A "C4'" 1 
ATOM   64  O  "O4'" . DG  A 1 4  ? 2.730   -5.222  1.735   1.00 29.92 ? 4   DG  A "O4'" 1 
ATOM   65  C  "C3'" . DG  A 1 4  ? 4.754   -4.092  2.163   1.00 35.12 ? 4   DG  A "C3'" 1 
ATOM   66  O  "O3'" . DG  A 1 4  ? 5.555   -4.471  1.052   1.00 37.10 ? 4   DG  A "O3'" 1 
ATOM   67  C  "C2'" . DG  A 1 4  ? 3.678   -3.108  1.741   1.00 33.31 ? 4   DG  A "C2'" 1 
ATOM   68  C  "C1'" . DG  A 1 4  ? 2.740   -4.021  0.988   1.00 30.22 ? 4   DG  A "C1'" 1 
ATOM   69  N  N9    . DG  A 1 4  ? 1.373   -3.524  0.874   1.00 27.34 ? 4   DG  A N9    1 
ATOM   70  C  C8    . DG  A 1 4  ? 0.708   -2.805  1.827   1.00 23.89 ? 4   DG  A C8    1 
ATOM   71  N  N7    . DG  A 1 4  ? -0.462  -2.404  1.434   1.00 23.27 ? 4   DG  A N7    1 
ATOM   72  C  C5    . DG  A 1 4  ? -0.646  -3.010  0.208   1.00 24.75 ? 4   DG  A C5    1 
ATOM   73  C  C6    . DG  A 1 4  ? -1.754  -2.974  -0.688  1.00 22.60 ? 4   DG  A C6    1 
ATOM   74  O  O6    . DG  A 1 4  ? -2.877  -2.458  -0.539  1.00 25.57 ? 4   DG  A O6    1 
ATOM   75  N  N1    . DG  A 1 4  ? -1.487  -3.684  -1.837  1.00 26.22 ? 4   DG  A N1    1 
ATOM   76  C  C2    . DG  A 1 4  ? -0.314  -4.311  -2.114  1.00 23.51 ? 4   DG  A C2    1 
ATOM   77  N  N2    . DG  A 1 4  ? -0.282  -4.991  -3.251  1.00 25.93 ? 4   DG  A N2    1 
ATOM   78  N  N3    . DG  A 1 4  ? 0.698   -4.388  -1.282  1.00 29.71 ? 4   DG  A N3    1 
ATOM   79  C  C4    . DG  A 1 4  ? 0.494   -3.665  -0.180  1.00 24.49 ? 4   DG  A C4    1 
ATOM   80  P  P     . DA  A 1 5  ? 6.739   -3.627  0.403   1.00 38.57 ? 5   DA  A P     1 
ATOM   81  O  OP1   . DA  A 1 5  ? 7.850   -4.436  0.961   1.00 45.48 ? 5   DA  A OP1   1 
ATOM   82  O  OP2   . DA  A 1 5  ? 6.585   -2.156  0.649   1.00 45.57 ? 5   DA  A OP2   1 
ATOM   83  O  "O5'" . DA  A 1 5  ? 6.702   -3.775  -1.154  1.00 37.44 ? 5   DA  A "O5'" 1 
ATOM   84  C  "C5'" . DA  A 1 5  ? 6.761   -5.018  -1.777  1.00 38.90 ? 5   DA  A "C5'" 1 
ATOM   85  C  "C4'" . DA  A 1 5  ? 6.374   -4.774  -3.207  1.00 40.90 ? 5   DA  A "C4'" 1 
ATOM   86  O  "O4'" . DA  A 1 5  ? 4.951   -4.544  -3.293  1.00 37.57 ? 5   DA  A "O4'" 1 
ATOM   87  C  "C3'" . DA  A 1 5  ? 7.068   -3.560  -3.840  1.00 42.63 ? 5   DA  A "C3'" 1 
ATOM   88  O  "O3'" . DA  A 1 5  ? 7.611   -3.967  -5.077  1.00 46.02 ? 5   DA  A "O3'" 1 
ATOM   89  C  "C2'" . DA  A 1 5  ? 5.961   -2.553  -4.088  1.00 39.05 ? 5   DA  A "C2'" 1 
ATOM   90  C  "C1'" . DA  A 1 5  ? 4.677   -3.355  -3.996  1.00 38.23 ? 5   DA  A "C1'" 1 
ATOM   91  N  N9    . DA  A 1 5  ? 3.692   -2.631  -3.233  1.00 35.54 ? 5   DA  A N9    1 
ATOM   92  C  C8    . DA  A 1 5  ? 3.727   -2.183  -1.939  1.00 30.42 ? 5   DA  A C8    1 
ATOM   93  N  N7    . DA  A 1 5  ? 2.647   -1.550  -1.575  1.00 32.43 ? 5   DA  A N7    1 
ATOM   94  C  C5    . DA  A 1 5  ? 1.848   -1.578  -2.707  1.00 29.62 ? 5   DA  A C5    1 
ATOM   95  C  C6    . DA  A 1 5  ? 0.557   -1.091  -2.976  1.00 27.62 ? 5   DA  A C6    1 
ATOM   96  N  N6    . DA  A 1 5  ? -0.204  -0.450  -2.094  1.00 30.64 ? 5   DA  A N6    1 
ATOM   97  N  N1    . DA  A 1 5  ? 0.061   -1.300  -4.206  1.00 30.06 ? 5   DA  A N1    1 
ATOM   98  C  C2    . DA  A 1 5  ? 0.793   -1.977  -5.090  1.00 29.15 ? 5   DA  A C2    1 
ATOM   99  N  N3    . DA  A 1 5  ? 1.990   -2.512  -4.949  1.00 31.65 ? 5   DA  A N3    1 
ATOM   100 C  C4    . DA  A 1 5  ? 2.477   -2.255  -3.728  1.00 34.64 ? 5   DA  A C4    1 
ATOM   101 P  P     . DT  A 1 6  ? 8.370   -2.904  -6.023  1.00 52.16 ? 6   DT  A P     1 
ATOM   102 O  OP1   . DT  A 1 6  ? 8.875   -3.844  -7.063  1.00 61.62 ? 6   DT  A OP1   1 
ATOM   103 O  OP2   . DT  A 1 6  ? 9.265   -2.031  -5.200  1.00 50.52 ? 6   DT  A OP2   1 
ATOM   104 O  "O5'" . DT  A 1 6  ? 7.303   -2.030  -6.788  1.00 45.89 ? 6   DT  A "O5'" 1 
ATOM   105 C  "C5'" . DT  A 1 6  ? 6.649   -2.590  -7.921  1.00 45.83 ? 6   DT  A "C5'" 1 
ATOM   106 C  "C4'" . DT  A 1 6  ? 5.715   -1.525  -8.412  1.00 45.87 ? 6   DT  A "C4'" 1 
ATOM   107 O  "O4'" . DT  A 1 6  ? 4.807   -1.272  -7.332  1.00 42.35 ? 6   DT  A "O4'" 1 
ATOM   108 C  "C3'" . DT  A 1 6  ? 6.440   -0.198  -8.644  1.00 46.25 ? 6   DT  A "C3'" 1 
ATOM   109 O  "O3'" . DT  A 1 6  ? 6.756   0.008   -10.032 1.00 49.61 ? 6   DT  A "O3'" 1 
ATOM   110 C  "C2'" . DT  A 1 6  ? 5.494   0.843   -8.069  1.00 41.48 ? 6   DT  A "C2'" 1 
ATOM   111 C  "C1'" . DT  A 1 6  ? 4.336   0.023   -7.506  1.00 43.31 ? 6   DT  A "C1'" 1 
ATOM   112 N  N1    . DT  A 1 6  ? 3.817   0.492   -6.224  1.00 40.46 ? 6   DT  A N1    1 
ATOM   113 C  C2    . DT  A 1 6  ? 2.512   0.885   -6.273  1.00 35.64 ? 6   DT  A C2    1 
ATOM   114 O  O2    . DT  A 1 6  ? 1.834   0.793   -7.280  1.00 35.38 ? 6   DT  A O2    1 
ATOM   115 N  N3    . DT  A 1 6  ? 2.017   1.368   -5.097  1.00 37.42 ? 6   DT  A N3    1 
ATOM   116 C  C4    . DT  A 1 6  ? 2.687   1.490   -3.903  1.00 31.98 ? 6   DT  A C4    1 
ATOM   117 O  O4    . DT  A 1 6  ? 2.104   1.900   -2.930  1.00 35.51 ? 6   DT  A O4    1 
ATOM   118 C  C5    . DT  A 1 6  ? 4.046   1.019   -3.904  1.00 34.68 ? 6   DT  A C5    1 
ATOM   119 C  C7    . DT  A 1 6  ? 4.841   1.116   -2.643  1.00 33.55 ? 6   DT  A C7    1 
ATOM   120 C  C6    . DT  A 1 6  ? 4.547   0.561   -5.055  1.00 34.04 ? 6   DT  A C6    1 
ATOM   121 P  P     . DC  A 1 7  ? 7.847   1.126   -10.402 1.00 45.29 ? 7   DC  A P     1 
ATOM   122 O  OP1   . DC  A 1 7  ? 8.085   0.787   -11.830 1.00 56.50 ? 7   DC  A OP1   1 
ATOM   123 O  OP2   . DC  A 1 7  ? 8.991   1.258   -9.435  1.00 34.18 ? 7   DC  A OP2   1 
ATOM   124 O  "O5'" . DC  A 1 7  ? 7.072   2.512   -10.391 1.00 38.65 ? 7   DC  A "O5'" 1 
ATOM   125 C  "C5'" . DC  A 1 7  ? 6.018   2.756   -11.288 1.00 37.31 ? 7   DC  A "C5'" 1 
ATOM   126 C  "C4'" . DC  A 1 7  ? 5.314   4.008   -10.845 1.00 37.62 ? 7   DC  A "C4'" 1 
ATOM   127 O  "O4'" . DC  A 1 7  ? 4.540   3.738   -9.659  1.00 40.64 ? 7   DC  A "O4'" 1 
ATOM   128 C  "C3'" . DC  A 1 7  ? 6.195   5.166   -10.421 1.00 36.31 ? 7   DC  A "C3'" 1 
ATOM   129 O  "O3'" . DC  A 1 7  ? 6.764   5.808   -11.570 1.00 36.37 ? 7   DC  A "O3'" 1 
ATOM   130 C  "C2'" . DC  A 1 7  ? 5.198   6.021   -9.637  1.00 36.75 ? 7   DC  A "C2'" 1 
ATOM   131 C  "C1'" . DC  A 1 7  ? 4.196   4.992   -9.075  1.00 37.59 ? 7   DC  A "C1'" 1 
ATOM   132 N  N1    . DC  A 1 7  ? 4.258   4.832   -7.613  1.00 32.74 ? 7   DC  A N1    1 
ATOM   133 C  C2    . DC  A 1 7  ? 3.094   4.947   -6.865  1.00 30.45 ? 7   DC  A C2    1 
ATOM   134 O  O2    . DC  A 1 7  ? 2.034   5.203   -7.441  1.00 32.87 ? 7   DC  A O2    1 
ATOM   135 N  N3    . DC  A 1 7  ? 3.153   4.780   -5.527  1.00 34.11 ? 7   DC  A N3    1 
ATOM   136 C  C4    . DC  A 1 7  ? 4.316   4.505   -4.940  1.00 30.31 ? 7   DC  A C4    1 
ATOM   137 N  N4    . DC  A 1 7  ? 4.327   4.362   -3.624  1.00 30.15 ? 7   DC  A N4    1 
ATOM   138 C  C5    . DC  A 1 7  ? 5.516   4.335   -5.690  1.00 28.99 ? 7   DC  A C5    1 
ATOM   139 C  C6    . DC  A 1 7  ? 5.433   4.478   -7.013  1.00 32.50 ? 7   DC  A C6    1 
ATOM   140 P  P     . DC  A 1 8  ? 8.183   6.488   -11.493 1.00 32.35 ? 8   DC  A P     1 
ATOM   141 O  OP1   . DC  A 1 8  ? 8.496   6.950   -12.841 1.00 38.49 ? 8   DC  A OP1   1 
ATOM   142 O  OP2   . DC  A 1 8  ? 9.162   5.729   -10.717 1.00 36.91 ? 8   DC  A OP2   1 
ATOM   143 O  "O5'" . DC  A 1 8  ? 7.928   7.831   -10.688 1.00 30.69 ? 8   DC  A "O5'" 1 
ATOM   144 C  "C5'" . DC  A 1 8  ? 7.147   8.848   -11.298 1.00 28.41 ? 8   DC  A "C5'" 1 
ATOM   145 C  "C4'" . DC  A 1 8  ? 6.975   9.957   -10.303 1.00 29.72 ? 8   DC  A "C4'" 1 
ATOM   146 O  "O4'" . DC  A 1 8  ? 6.340   9.470   -9.124  1.00 29.22 ? 8   DC  A "O4'" 1 
ATOM   147 C  "C3'" . DC  A 1 8  ? 8.268   10.551  -9.783  1.00 27.96 ? 8   DC  A "C3'" 1 
ATOM   148 O  "O3'" . DC  A 1 8  ? 8.838   11.440  -10.753 1.00 36.55 ? 8   DC  A "O3'" 1 
ATOM   149 C  "C2'" . DC  A 1 8  ? 7.824   11.184  -8.478  1.00 27.12 ? 8   DC  A "C2'" 1 
ATOM   150 C  "C1'" . DC  A 1 8  ? 6.616   10.362  -8.043  1.00 26.91 ? 8   DC  A "C1'" 1 
ATOM   151 N  N1    . DC  A 1 8  ? 6.715   9.527   -6.836  1.00 27.21 ? 8   DC  A N1    1 
ATOM   152 C  C2    . DC  A 1 8  ? 5.938   9.812   -5.707  1.00 23.51 ? 8   DC  A C2    1 
ATOM   153 O  O2    . DC  A 1 8  ? 5.282   10.865  -5.679  1.00 26.21 ? 8   DC  A O2    1 
ATOM   154 N  N3    . DC  A 1 8  ? 5.925   8.929   -4.677  1.00 25.25 ? 8   DC  A N3    1 
ATOM   155 C  C4    . DC  A 1 8  ? 6.657   7.814   -4.755  1.00 24.22 ? 8   DC  A C4    1 
ATOM   156 N  N4    . DC  A 1 8  ? 6.652   6.988   -3.735  1.00 24.41 ? 8   DC  A N4    1 
ATOM   157 C  C5    . DC  A 1 8  ? 7.439   7.501   -5.903  1.00 25.57 ? 8   DC  A C5    1 
ATOM   158 C  C6    . DC  A 1 8  ? 7.433   8.372   -6.907  1.00 26.57 ? 8   DC  A C6    1 
ATOM   159 P  P     . DG  A 1 9  ? 10.377  11.865  -10.593 1.00 31.49 ? 9   DG  A P     1 
ATOM   160 O  OP1   . DG  A 1 9  ? 10.738  12.427  -11.877 1.00 38.76 ? 9   DG  A OP1   1 
ATOM   161 O  OP2   . DG  A 1 9  ? 11.093  10.742  -10.030 1.00 37.33 ? 9   DG  A OP2   1 
ATOM   162 O  "O5'" . DG  A 1 9  ? 10.512  13.062  -9.560  1.00 31.25 ? 9   DG  A "O5'" 1 
ATOM   163 C  "C5'" . DG  A 1 9  ? 9.968   14.363  -9.774  1.00 30.67 ? 9   DG  A "C5'" 1 
ATOM   164 C  "C4'" . DG  A 1 9  ? 9.877   15.088  -8.456  1.00 32.02 ? 9   DG  A "C4'" 1 
ATOM   165 O  "O4'" . DG  A 1 9  ? 9.011   14.360  -7.573  1.00 32.31 ? 9   DG  A "O4'" 1 
ATOM   166 C  "C3'" . DG  A 1 9  ? 11.213  15.184  -7.731  1.00 40.73 ? 9   DG  A "C3'" 1 
ATOM   167 O  "O3'" . DG  A 1 9  ? 11.797  16.483  -7.816  1.00 55.21 ? 9   DG  A "O3'" 1 
ATOM   168 C  "C2'" . DG  A 1 9  ? 10.860  15.017  -6.276  1.00 41.61 ? 9   DG  A "C2'" 1 
ATOM   169 C  "C1'" . DG  A 1 9  ? 9.536   14.318  -6.257  1.00 34.31 ? 9   DG  A "C1'" 1 
ATOM   170 N  N9    . DG  A 1 9  ? 9.622   12.932  -5.794  1.00 28.97 ? 9   DG  A N9    1 
ATOM   171 C  C8    . DG  A 1 9  ? 10.469  11.937  -6.197  1.00 27.76 ? 9   DG  A C8    1 
ATOM   172 N  N7    . DG  A 1 9  ? 10.327  10.833  -5.512  1.00 27.22 ? 9   DG  A N7    1 
ATOM   173 C  C5    . DG  A 1 9  ? 9.328   11.126  -4.600  1.00 27.47 ? 9   DG  A C5    1 
ATOM   174 C  C6    . DG  A 1 9  ? 8.794   10.354  -3.536  1.00 26.87 ? 9   DG  A C6    1 
ATOM   175 O  O6    . DG  A 1 9  ? 9.021   9.184   -3.244  1.00 29.77 ? 9   DG  A O6    1 
ATOM   176 N  N1    . DG  A 1 9  ? 7.826   11.057  -2.839  1.00 23.82 ? 9   DG  A N1    1 
ATOM   177 C  C2    . DG  A 1 9  ? 7.489   12.359  -3.054  1.00 26.77 ? 9   DG  A C2    1 
ATOM   178 N  N2    . DG  A 1 9  ? 6.571   12.870  -2.239  1.00 29.27 ? 9   DG  A N2    1 
ATOM   179 N  N3    . DG  A 1 9  ? 7.987   13.098  -4.021  1.00 28.09 ? 9   DG  A N3    1 
ATOM   180 C  C4    . DG  A 1 9  ? 8.933   12.438  -4.720  1.00 29.79 ? 9   DG  A C4    1 
ATOM   181 P  P     . DG  A 1 10 ? 13.282  16.707  -7.213  1.00 60.32 ? 10  DG  A P     1 
ATOM   182 O  OP1   . DG  A 1 10 ? 13.667  17.981  -7.863  1.00 87.18 ? 10  DG  A OP1   1 
ATOM   183 O  OP2   . DG  A 1 10 ? 14.134  15.482  -7.421  1.00 58.03 ? 10  DG  A OP2   1 
ATOM   184 O  "O5'" . DG  A 1 10 ? 12.953  16.973  -5.667  1.00 56.00 ? 10  DG  A "O5'" 1 
ATOM   185 C  "C5'" . DG  A 1 10 ? 13.962  16.947  -4.632  1.00 53.77 ? 10  DG  A "C5'" 1 
ATOM   186 C  "C4'" . DG  A 1 10 ? 13.561  17.882  -3.517  1.00 50.35 ? 10  DG  A "C4'" 1 
ATOM   187 O  "O4'" . DG  A 1 10 ? 12.534  17.248  -2.717  1.00 53.68 ? 10  DG  A "O4'" 1 
ATOM   188 C  "C3'" . DG  A 1 10 ? 14.677  18.256  -2.543  1.00 51.57 ? 10  DG  A "C3'" 1 
ATOM   189 O  "O3'" . DG  A 1 10 ? 15.289  19.499  -2.923  1.00 53.31 ? 10  DG  A "O3'" 1 
ATOM   190 C  "C2'" . DG  A 1 10 ? 13.963  18.379  -1.201  1.00 48.54 ? 10  DG  A "C2'" 1 
ATOM   191 C  "C1'" . DG  A 1 10 ? 12.764  17.443  -1.320  1.00 45.21 ? 10  DG  A "C1'" 1 
ATOM   192 N  N9    . DG  A 1 10 ? 12.926  16.125  -0.693  1.00 39.08 ? 10  DG  A N9    1 
ATOM   193 C  C8    . DG  A 1 10 ? 12.228  15.644  0.391   1.00 35.34 ? 10  DG  A C8    1 
ATOM   194 N  N7    . DG  A 1 10 ? 12.564  14.431  0.721   1.00 34.79 ? 10  DG  A N7    1 
ATOM   195 C  C5    . DG  A 1 10 ? 13.552  14.089  -0.193  1.00 32.37 ? 10  DG  A C5    1 
ATOM   196 C  C6    . DG  A 1 10 ? 14.288  12.896  -0.339  1.00 39.39 ? 10  DG  A C6    1 
ATOM   197 O  O6    . DG  A 1 10 ? 14.224  11.866  0.336   1.00 46.01 ? 10  DG  A O6    1 
ATOM   198 N  N1    . DG  A 1 10 ? 15.180  12.972  -1.403  1.00 33.98 ? 10  DG  A N1    1 
ATOM   199 C  C2    . DG  A 1 10 ? 15.299  14.042  -2.256  1.00 33.54 ? 10  DG  A C2    1 
ATOM   200 N  N2    . DG  A 1 10 ? 16.209  13.930  -3.227  1.00 43.25 ? 10  DG  A N2    1 
ATOM   201 N  N3    . DG  A 1 10 ? 14.629  15.164  -2.127  1.00 33.41 ? 10  DG  A N3    1 
ATOM   202 C  C4    . DG  A 1 10 ? 13.760  15.112  -1.095  1.00 35.43 ? 10  DG  A C4    1 
HETATM 203 BA BA    . BA  B 2 .  ? -3.185  -1.029  1.944   1.00 27.02 ? 101 BA  A BA    1 
HETATM 204 C  C53   . RML C 3 .  ? -15.180 -7.218  -1.416  1.00 34.72 ? 102 RML A C53   1 
HETATM 205 C  C17   . RML C 3 .  ? -14.467 -8.131  -0.400  1.00 30.34 ? 102 RML A C17   1 
HETATM 206 C  C18   . RML C 3 .  ? -14.543 -9.503  -0.459  1.00 31.60 ? 102 RML A C18   1 
HETATM 207 C  C52   . RML C 3 .  ? -15.300 -10.244 -1.565  1.00 37.67 ? 102 RML A C52   1 
HETATM 208 C  C14   . RML C 3 .  ? -13.890 -10.262 0.481   1.00 28.38 ? 102 RML A C14   1 
HETATM 209 C  C16   . RML C 3 .  ? -13.716 -7.548  0.644   1.00 32.90 ? 102 RML A C16   1 
HETATM 210 C  C15   . RML C 3 .  ? -13.033 -8.324  1.601   1.00 27.09 ? 102 RML A C15   1 
HETATM 211 N  N3    . RML C 3 .  ? -12.311 -7.743  2.532   1.00 25.71 ? 102 RML A N3    1 
HETATM 212 C  C13   . RML C 3 .  ? -13.111 -9.702  1.476   1.00 28.60 ? 102 RML A C13   1 
HETATM 213 N  N4    . RML C 3 .  ? -12.459 -10.476 2.328   1.00 28.85 ? 102 RML A N4    1 
HETATM 214 C  C7    . RML C 3 .  ? -11.726 -9.873  3.338   1.00 26.61 ? 102 RML A C7    1 
HETATM 215 C  C6    . RML C 3 .  ? -11.633 -8.481  3.421   1.00 24.63 ? 102 RML A C6    1 
HETATM 216 C  C5    . RML C 3 .  ? -10.901 -7.866  4.483   1.00 27.66 ? 102 RML A C5    1 
HETATM 217 C  C4    . RML C 3 .  ? -10.854 -6.473  4.583   1.00 30.83 ? 102 RML A C4    1 
HETATM 218 C  C3    . RML C 3 .  ? -10.112 -5.936  5.626   1.00 31.00 ? 102 RML A C3    1 
HETATM 219 C  C2    . RML C 3 .  ? -9.474  -6.769  6.582   1.00 30.79 ? 102 RML A C2    1 
HETATM 220 C  C8    . RML C 3 .  ? -11.057 -10.643 4.311   1.00 28.23 ? 102 RML A C8    1 
HETATM 221 C  C10   . RML C 3 .  ? -10.295 -10.025 5.376   1.00 24.17 ? 102 RML A C10   1 
HETATM 222 C  C1    . RML C 3 .  ? -10.179 -8.631  5.441   1.00 27.65 ? 102 RML A C1    1 
HETATM 223 N  N2    . RML C 3 .  ? -9.412  -8.151  6.533   1.00 30.30 ? 102 RML A N2    1 
HETATM 224 N  N1    . RML C 3 .  ? -9.653  -10.663 6.427   1.00 29.43 ? 102 RML A N1    1 
HETATM 225 C  C12   . RML C 3 .  ? -9.670  -12.036 6.232   1.00 25.28 ? 102 RML A C12   1 
HETATM 226 C  C11   . RML C 3 .  ? -10.370 -12.678 5.245   1.00 26.33 ? 102 RML A C11   1 
HETATM 227 C  C9    . RML C 3 .  ? -11.090 -12.029 4.239   1.00 26.56 ? 102 RML A C9    1 
HETATM 228 RU RU    . RML C 3 .  ? -8.900  -9.479  7.734   1.00 25.74 ? 102 RML A RU    1 
HETATM 229 N  N8    . RML C 3 .  ? -8.448  -10.860 8.964   1.00 26.91 ? 102 RML A N8    1 
HETATM 230 C  C28   . RML C 3 .  ? -7.486  -11.772 9.152   1.00 25.51 ? 102 RML A C28   1 
HETATM 231 C  C27   . RML C 3 .  ? -7.459  -12.749 10.174  1.00 28.56 ? 102 RML A C27   1 
HETATM 232 N  N7    . RML C 3 .  ? -8.477  -12.982 11.006  1.00 25.83 ? 102 RML A N7    1 
HETATM 233 C  C26   . RML C 3 .  ? -9.505  -11.201 9.801   1.00 26.44 ? 102 RML A C26   1 
HETATM 234 C  C25   . RML C 3 .  ? -9.510  -12.158 10.783  1.00 26.06 ? 102 RML A C25   1 
HETATM 235 C  C24   . RML C 3 .  ? -10.567 -12.307 11.628  1.00 24.23 ? 102 RML A C24   1 
HETATM 236 C  C23   . RML C 3 .  ? -11.717 -11.546 11.477  1.00 27.61 ? 102 RML A C23   1 
HETATM 237 C  C22   . RML C 3 .  ? -11.794 -10.573 10.475  1.00 27.07 ? 102 RML A C22   1 
HETATM 238 N  N6    . RML C 3 .  ? -12.952 -9.820  10.382  1.00 24.26 ? 102 RML A N6    1 
HETATM 239 C  C19   . RML C 3 .  ? -10.668 -10.385 9.650   1.00 23.59 ? 102 RML A C19   1 
HETATM 240 N  N5    . RML C 3 .  ? -10.555 -9.479  8.593   1.00 29.49 ? 102 RML A N5    1 
HETATM 241 C  C20   . RML C 3 .  ? -11.715 -8.754  8.578   1.00 24.13 ? 102 RML A C20   1 
HETATM 242 C  C21   . RML C 3 .  ? -12.846 -8.941  9.390   1.00 27.95 ? 102 RML A C21   1 
HETATM 243 N  N12   . RML C 3 .  ? -8.111  -8.264  8.983   1.00 29.87 ? 102 RML A N12   1 
HETATM 244 C  C38   . RML C 3 .  ? -8.577  -7.559  10.027  1.00 31.55 ? 102 RML A C38   1 
HETATM 245 C  C37   . RML C 3 .  ? -7.794  -6.711  10.811  1.00 30.25 ? 102 RML A C37   1 
HETATM 246 N  N11   . RML C 3 .  ? -6.508  -6.530  10.577  1.00 28.84 ? 102 RML A N11   1 
HETATM 247 C  C36   . RML C 3 .  ? -6.798  -7.984  8.746   1.00 27.84 ? 102 RML A C36   1 
HETATM 248 C  C29   . RML C 3 .  ? -6.262  -8.713  7.658   1.00 29.67 ? 102 RML A C29   1 
HETATM 249 N  N9    . RML C 3 .  ? -7.213  -9.481  6.940   1.00 31.28 ? 102 RML A N9    1 
HETATM 250 C  C30   . RML C 3 .  ? -6.548  -10.147 5.893   1.00 29.84 ? 102 RML A C30   1 
HETATM 251 C  C31   . RML C 3 .  ? -5.173  -9.929  5.623   1.00 29.16 ? 102 RML A C31   1 
HETATM 252 C  C35   . RML C 3 .  ? -5.962  -7.188  9.526   1.00 32.92 ? 102 RML A C35   1 
HETATM 253 C  C34   . RML C 3 .  ? -4.580  -7.039  9.218   1.00 28.13 ? 102 RML A C34   1 
HETATM 254 C  C33   . RML C 3 .  ? -4.090  -7.678  8.109   1.00 32.10 ? 102 RML A C33   1 
HETATM 255 C  C32   . RML C 3 .  ? -4.926  -8.513  7.356   1.00 28.31 ? 102 RML A C32   1 
HETATM 256 N  N10   . RML C 3 .  ? -4.366  -9.100  6.327   1.00 31.56 ? 102 RML A N10   1 
HETATM 257 O  O     . HOH D 4 .  ? -5.820  -1.952  0.955   1.00 30.86 ? 201 HOH A O     1 
HETATM 258 O  O     . HOH D 4 .  ? -4.825  -1.179  4.455   1.00 28.55 ? 202 HOH A O     1 
HETATM 259 O  O     . HOH D 4 .  ? -1.698  -9.700  1.844   1.00 37.57 ? 203 HOH A O     1 
HETATM 260 O  O     . HOH D 4 .  ? -3.762  1.618   2.971   1.00 29.92 ? 204 HOH A O     1 
HETATM 261 O  O     . HOH D 4 .  ? -7.379  -0.291  4.779   1.00 47.22 ? 205 HOH A O     1 
HETATM 262 O  O     . HOH D 4 .  ? -9.699  -1.664  0.656   1.00 54.33 ? 206 HOH A O     1 
HETATM 263 O  O     . HOH D 4 .  ? -4.624  4.209   1.365   1.00 40.08 ? 207 HOH A O     1 
HETATM 264 O  O     . HOH D 4 .  ? -1.498  -1.118  4.506   1.00 25.82 ? 208 HOH A O     1 
HETATM 265 O  O     . HOH D 4 .  ? -6.082  -9.705  11.666  1.00 27.00 ? 209 HOH A O     1 
HETATM 266 O  O     . HOH D 4 .  ? 10.696  17.879  1.228   1.00 32.69 ? 210 HOH A O     1 
HETATM 267 O  O     . HOH D 4 .  ? -7.867  -1.707  -1.566  1.00 34.74 ? 211 HOH A O     1 
HETATM 268 O  O     . HOH D 4 .  ? -11.591 -5.300  -1.958  1.00 42.68 ? 212 HOH A O     1 
HETATM 269 O  O     . HOH D 4 .  ? -3.801  -11.792 2.761   1.00 32.77 ? 213 HOH A O     1 
HETATM 270 O  O     . HOH D 4 .  ? -4.361  -11.044 9.852   1.00 38.15 ? 214 HOH A O     1 
HETATM 271 O  O     . HOH D 4 .  ? -4.070  0.931   -0.339  1.00 25.78 ? 215 HOH A O     1 
HETATM 272 O  O     . HOH D 4 .  ? -3.013  3.213   -0.680  1.00 25.62 ? 216 HOH A O     1 
HETATM 273 O  O     . HOH D 4 .  ? -0.610  3.123   0.590   1.00 30.23 ? 217 HOH A O     1 
HETATM 274 O  O     . HOH D 4 .  ? -6.549  1.257   0.011   1.00 39.58 ? 218 HOH A O     1 
HETATM 275 O  O     . HOH D 4 .  ? -9.666  -3.662  -2.794  1.00 38.55 ? 219 HOH A O     1 
HETATM 276 O  O     . HOH D 4 .  ? -12.826 -4.633  2.704   1.00 48.54 ? 220 HOH A O     1 
HETATM 277 O  O     . HOH D 4 .  ? 5.476   15.745  -3.219  0.50 24.16 ? 221 HOH A O     1 
HETATM 278 O  O     . HOH D 4 .  ? 1.005   -0.771  4.539   0.50 30.30 ? 222 HOH A O     1 
HETATM 279 O  O     . HOH D 4 .  ? 13.040  11.158  -8.481  0.50 28.49 ? 223 HOH A O     1 
HETATM 280 O  O     . HOH D 4 .  ? 7.876   1.264   -4.919  0.50 27.76 ? 224 HOH A O     1 
HETATM 281 O  O     . HOH D 4 .  ? -1.625  3.196   3.769   0.50 22.49 ? 225 HOH A O     1 
HETATM 282 O  O     . HOH D 4 .  ? 2.181   -8.795  3.938   0.50 32.86 ? 226 HOH A O     1 
HETATM 283 O  O     . HOH D 4 .  ? 11.458  8.438   -6.407  0.50 32.49 ? 227 HOH A O     1 
HETATM 284 O  O     . HOH D 4 .  ? 0.349   1.369   5.957   0.50 37.63 ? 228 HOH A O     1 
HETATM 285 O  O     . HOH D 4 .  ? 10.424  14.855  -13.378 0.50 29.45 ? 229 HOH A O     1 
HETATM 286 O  O     . HOH D 4 .  ? -1.249  -9.384  9.192   0.50 31.06 ? 230 HOH A O     1 
HETATM 287 O  O     . HOH D 4 .  ? 9.589   11.205  -14.269 0.50 32.79 ? 231 HOH A O     1 
HETATM 288 O  O     . HOH D 4 .  ? 5.846   -0.689  2.911   0.50 35.44 ? 232 HOH A O     1 
HETATM 289 O  O     . HOH D 4 .  ? -12.702 -1.419  -1.034  0.50 32.82 ? 233 HOH A O     1 
HETATM 290 O  O     . HOH D 4 .  ? 13.155  22.836  -4.699  0.50 32.49 ? 234 HOH A O     1 
HETATM 291 O  O     . HOH D 4 .  ? -13.282 -3.509  -0.671  0.50 34.34 ? 235 HOH A O     1 
HETATM 292 O  O     . HOH D 4 .  ? 13.733  14.175  -11.339 1.00 54.64 ? 236 HOH A O     1 
HETATM 293 O  O     . HOH D 4 .  ? 2.783   -3.671  -7.369  1.00 53.69 ? 237 HOH A O     1 
HETATM 294 O  O     . HOH D 4 .  ? -5.252  -4.578  12.003  1.00 52.97 ? 238 HOH A O     1 
# 
